data_9KRB
#
_entry.id   9KRB
#
_cell.length_a   1.00
_cell.length_b   1.00
_cell.length_c   1.00
_cell.angle_alpha   90.00
_cell.angle_beta   90.00
_cell.angle_gamma   90.00
#
_symmetry.space_group_name_H-M   'P 1'
#
loop_
_entity.id
_entity.type
_entity.pdbx_description
1 polymer 'Spike protein S1'
2 polymer 'Angiotensin-converting enzyme'
3 branched 2-acetamido-2-deoxy-beta-D-glucopyranose-(1-4)-2-acetamido-2-deoxy-beta-D-glucopyranose
4 non-polymer 2-acetamido-2-deoxy-beta-D-glucopyranose
#
loop_
_entity_poly.entity_id
_entity_poly.type
_entity_poly.pdbx_seq_one_letter_code
_entity_poly.pdbx_strand_id
1 'polypeptide(L)'
;TQECDFTPMLTGTPPPIYNFKRLVFTNCNYNLTKLLSLFQVSEFSCHQVSPSSLATGCYSSLTVDYFAYSTDMSSYLQPG
SAGAIVQFNYKQDFSNPTCRVLATVPQNLTTITKPSNYAYLTECYKTSAYGKNYLYNAPGAYTPCLSLASRGFSTKYQSH
SDGELTTTGYIYPVTGNLQMAFIISVQYGTDTNSVCPMQ
;
A
2 'polypeptide(L)'
;MLVHLWLLCGLSAVVTPQDIGQQAQEFLEEFNRRAEDISYESSLASWNYNTNITEENAKKMNEAGARWSAFYDTASRNAS
KFPVDSIEDDLIKLQIQILQDRGSSVLTPEKYNRLGTVLSTMSTIYSTGTVCKINNPSECLVLEPGLDAIMADSTDYHER
LWAWEGWRADVGRMMRPLYEEYVELENEVAKLNGYSDYGDYWRANYEADFPKGYEYKRDQLIEDVEKTFKQIKPLYEQLH
AYVRHQLEQVYGPELISSTGCLPAHLLGDMWGRFWTNLYALTVPYPNKPNIDVTSAMVEKEWDANKIFRSAEAFFISIGL
DNMTEGFWRDSMLTEPTDNRKVVCHPTAWDLGKNDYRIKMCTKVTMDDFLTAHHEMGHIEYDMAYSGQPYLLRSGANEGF
HEAVGEIMSLSAATPQHLKSLDLLEPTFQEDEETEINFLLKQALTIVGTMPFTYMLEKWRWMVFSGEITKQEWTKRWWDM
KREIVGVVEPVPHDETYCDPAALFHVANDYSFIRYYTRTIYQFQFQEALCKAANHTGPLHKCDITNSTAAGDRLRKLLEL
GRSKPWTEALENVTGEKYMNAEPLLHYFEPLFEWLKKANSGRFIGWKTDWAPYSSDAIKVRISLKSALGDQAYEWDESEL
FLFKSSIAYAMRKYFLDQKKQEIDFQITDIHVGGETKRISFYLTVSMPGNISDIVPKAVVESAIRMSRGRINEAFRLDDN
TLEFVGIRPTLAPPYEPPVTIWLIVFGVVMGLVVVGVIALVITGQRDRKK
;
B
#
loop_
_chem_comp.id
_chem_comp.type
_chem_comp.name
_chem_comp.formula
NAG D-saccharide, beta linking 2-acetamido-2-deoxy-beta-D-glucopyranose 'C8 H15 N O6'
#
# COMPACT_ATOMS: atom_id res chain seq x y z
N THR A 1 -36.30 50.18 4.23
CA THR A 1 -36.81 50.99 3.13
C THR A 1 -37.68 50.16 2.20
N GLN A 2 -37.07 49.12 1.60
CA GLN A 2 -37.80 48.23 0.71
C GLN A 2 -37.58 46.78 1.11
N GLU A 3 -38.00 45.85 0.27
CA GLU A 3 -37.93 44.42 0.55
C GLU A 3 -36.82 43.77 -0.24
N CYS A 4 -35.95 43.04 0.45
CA CYS A 4 -34.98 42.16 -0.20
C CYS A 4 -35.59 40.76 -0.20
N ASP A 5 -36.39 40.48 -1.22
CA ASP A 5 -37.12 39.22 -1.31
C ASP A 5 -36.16 38.10 -1.70
N PHE A 6 -36.35 36.93 -1.09
CA PHE A 6 -35.49 35.78 -1.31
C PHE A 6 -36.01 34.85 -2.38
N THR A 7 -36.70 35.38 -3.38
CA THR A 7 -37.28 34.61 -4.49
C THR A 7 -36.27 33.82 -5.33
N PRO A 8 -35.07 34.33 -5.70
CA PRO A 8 -34.13 33.44 -6.41
C PRO A 8 -33.55 32.32 -5.56
N MET A 9 -33.59 32.44 -4.23
CA MET A 9 -33.19 31.30 -3.40
C MET A 9 -34.27 30.24 -3.34
N LEU A 10 -35.53 30.61 -3.60
CA LEU A 10 -36.68 29.71 -3.48
C LEU A 10 -37.28 29.34 -4.83
N THR A 11 -36.46 29.28 -5.87
CA THR A 11 -36.96 28.88 -7.18
C THR A 11 -35.86 28.15 -7.94
N GLY A 12 -36.26 27.49 -9.02
CA GLY A 12 -35.32 26.83 -9.90
C GLY A 12 -34.68 25.61 -9.26
N THR A 13 -33.38 25.47 -9.50
CA THR A 13 -32.58 24.40 -8.95
C THR A 13 -31.34 24.99 -8.30
N PRO A 14 -31.05 24.68 -7.05
CA PRO A 14 -29.82 25.18 -6.42
C PRO A 14 -28.59 24.54 -7.05
N PRO A 15 -27.55 25.33 -7.28
CA PRO A 15 -26.43 24.87 -8.10
C PRO A 15 -25.49 24.02 -7.27
N PRO A 16 -24.47 23.37 -7.89
CA PRO A 16 -23.48 22.65 -7.09
C PRO A 16 -22.55 23.57 -6.32
N ILE A 17 -21.64 22.99 -5.53
CA ILE A 17 -20.87 23.78 -4.56
C ILE A 17 -19.82 24.64 -5.27
N TYR A 18 -19.28 24.20 -6.40
CA TYR A 18 -18.28 25.01 -7.08
C TYR A 18 -18.92 26.17 -7.84
N ASN A 19 -20.11 25.98 -8.39
CA ASN A 19 -20.81 27.04 -9.11
C ASN A 19 -21.85 27.71 -8.22
N PHE A 20 -21.42 28.20 -7.06
CA PHE A 20 -22.37 28.73 -6.09
C PHE A 20 -22.87 30.11 -6.50
N LYS A 21 -24.15 30.35 -6.29
CA LYS A 21 -24.78 31.61 -6.62
C LYS A 21 -24.75 32.54 -5.43
N ARG A 22 -24.57 33.83 -5.69
CA ARG A 22 -24.37 34.85 -4.66
C ARG A 22 -25.48 35.88 -4.70
N LEU A 23 -25.94 36.31 -3.53
CA LEU A 23 -27.15 37.12 -3.37
C LEU A 23 -26.90 38.30 -2.44
N VAL A 24 -25.86 39.08 -2.72
CA VAL A 24 -25.52 40.26 -1.92
C VAL A 24 -26.66 41.28 -1.97
N PHE A 25 -27.21 41.61 -0.81
CA PHE A 25 -28.31 42.54 -0.66
C PHE A 25 -27.86 43.81 0.02
N THR A 26 -28.59 44.90 -0.26
CA THR A 26 -28.29 46.21 0.29
C THR A 26 -29.55 47.06 0.30
N ASN A 27 -29.67 47.91 1.34
CA ASN A 27 -30.68 48.96 1.46
C ASN A 27 -32.11 48.39 1.45
N CYS A 28 -32.41 47.60 2.48
CA CYS A 28 -33.73 46.97 2.57
C CYS A 28 -34.06 46.66 4.03
N ASN A 29 -35.22 46.05 4.23
CA ASN A 29 -35.69 45.57 5.52
C ASN A 29 -35.77 44.06 5.47
N TYR A 30 -34.96 43.39 6.29
CA TYR A 30 -34.82 41.94 6.21
C TYR A 30 -35.46 41.25 7.41
N ASN A 31 -35.78 39.97 7.22
CA ASN A 31 -36.39 39.14 8.25
C ASN A 31 -35.91 37.72 8.01
N LEU A 32 -34.84 37.32 8.72
CA LEU A 32 -34.29 35.99 8.53
C LEU A 32 -35.12 34.91 9.23
N THR A 33 -35.98 35.28 10.16
CA THR A 33 -36.91 34.31 10.73
C THR A 33 -38.01 33.96 9.74
N LYS A 34 -38.27 34.82 8.75
CA LYS A 34 -39.11 34.43 7.63
C LYS A 34 -38.41 33.38 6.76
N LEU A 35 -37.10 33.53 6.58
CA LEU A 35 -36.34 32.61 5.74
C LEU A 35 -36.18 31.25 6.40
N LEU A 36 -35.73 31.22 7.65
CA LEU A 36 -35.38 29.97 8.31
C LEU A 36 -36.59 29.20 8.81
N SER A 37 -37.79 29.76 8.73
CA SER A 37 -38.99 29.01 9.07
C SER A 37 -39.42 28.08 7.94
N LEU A 38 -38.94 28.30 6.72
CA LEU A 38 -39.32 27.49 5.57
C LEU A 38 -38.53 26.19 5.47
N PHE A 39 -37.45 26.06 6.21
CA PHE A 39 -36.53 24.93 6.10
C PHE A 39 -36.45 24.18 7.42
N GLN A 40 -35.74 23.07 7.38
CA GLN A 40 -35.45 22.25 8.55
C GLN A 40 -33.97 22.43 8.87
N VAL A 41 -33.67 23.44 9.67
CA VAL A 41 -32.29 23.84 9.93
C VAL A 41 -31.61 22.79 10.80
N SER A 42 -30.47 22.28 10.32
CA SER A 42 -29.73 21.24 11.02
C SER A 42 -28.44 21.74 11.66
N GLU A 43 -28.04 22.99 11.42
CA GLU A 43 -26.80 23.54 11.94
C GLU A 43 -26.88 25.05 11.84
N PHE A 44 -26.33 25.74 12.83
CA PHE A 44 -26.29 27.20 12.82
C PHE A 44 -24.95 27.70 13.35
N SER A 45 -23.86 27.08 12.87
CA SER A 45 -22.52 27.42 13.35
C SER A 45 -22.10 28.79 12.85
N CYS A 46 -21.84 29.70 13.78
CA CYS A 46 -21.49 31.08 13.46
C CYS A 46 -20.10 31.42 13.98
N HIS A 47 -19.52 32.46 13.41
CA HIS A 47 -18.17 32.90 13.76
C HIS A 47 -18.18 34.42 13.89
N GLN A 48 -17.74 34.91 15.05
CA GLN A 48 -17.66 36.33 15.43
C GLN A 48 -19.01 37.04 15.41
N VAL A 49 -20.11 36.28 15.50
CA VAL A 49 -21.46 36.85 15.62
C VAL A 49 -22.33 35.78 16.26
N SER A 50 -23.46 36.20 16.81
CA SER A 50 -24.36 35.27 17.47
C SER A 50 -25.64 35.08 16.65
N PRO A 51 -26.22 33.88 16.66
CA PRO A 51 -27.46 33.66 15.90
C PRO A 51 -28.67 34.37 16.48
N SER A 52 -28.61 34.81 17.74
CA SER A 52 -29.74 35.53 18.32
C SER A 52 -29.71 37.01 17.95
N SER A 53 -28.52 37.60 17.86
CA SER A 53 -28.39 39.03 17.57
C SER A 53 -28.01 39.32 16.13
N LEU A 54 -28.02 38.30 15.26
CA LEU A 54 -27.74 38.53 13.86
C LEU A 54 -28.97 39.09 13.13
N ALA A 55 -30.15 38.60 13.47
CA ALA A 55 -31.37 38.85 12.72
C ALA A 55 -31.90 40.28 12.89
N THR A 56 -31.35 41.04 13.84
CA THR A 56 -31.86 42.39 14.12
C THR A 56 -30.82 43.49 14.11
N GLY A 57 -29.59 43.24 13.63
CA GLY A 57 -28.59 44.27 13.60
C GLY A 57 -28.72 45.21 12.41
N CYS A 58 -27.99 46.30 12.46
CA CYS A 58 -27.87 47.24 11.34
C CYS A 58 -26.46 47.15 10.78
N TYR A 59 -26.35 46.76 9.51
CA TYR A 59 -25.07 46.59 8.84
C TYR A 59 -25.07 47.40 7.54
N SER A 60 -24.00 47.23 6.75
CA SER A 60 -23.86 47.90 5.47
C SER A 60 -24.00 46.97 4.28
N SER A 61 -23.58 45.71 4.40
CA SER A 61 -23.73 44.74 3.32
C SER A 61 -24.12 43.40 3.93
N LEU A 62 -24.87 42.63 3.14
CA LEU A 62 -25.40 41.33 3.58
C LEU A 62 -25.22 40.34 2.43
N THR A 63 -24.32 39.39 2.61
CA THR A 63 -23.94 38.46 1.55
C THR A 63 -24.46 37.08 1.87
N VAL A 64 -25.17 36.47 0.92
CA VAL A 64 -25.72 35.13 1.06
C VAL A 64 -25.26 34.30 -0.13
N ASP A 65 -24.53 33.22 0.12
CA ASP A 65 -24.20 32.22 -0.88
C ASP A 65 -25.03 30.98 -0.61
N TYR A 66 -25.43 30.28 -1.66
CA TYR A 66 -26.19 29.06 -1.48
C TYR A 66 -25.86 28.07 -2.58
N PHE A 67 -25.89 26.79 -2.22
CA PHE A 67 -25.60 25.72 -3.15
C PHE A 67 -26.23 24.45 -2.60
N ALA A 68 -26.35 23.45 -3.48
CA ALA A 68 -26.89 22.16 -3.07
C ALA A 68 -25.78 21.32 -2.46
N TYR A 69 -26.01 20.82 -1.25
CA TYR A 69 -24.97 20.18 -0.49
C TYR A 69 -25.59 19.21 0.49
N SER A 70 -25.17 17.94 0.43
CA SER A 70 -25.70 16.93 1.33
C SER A 70 -25.17 17.14 2.73
N THR A 71 -26.04 16.95 3.72
CA THR A 71 -25.66 17.24 5.10
C THR A 71 -24.94 16.09 5.77
N ASP A 72 -24.60 15.04 5.04
CA ASP A 72 -23.72 14.01 5.60
C ASP A 72 -22.27 14.42 5.53
N MET A 73 -21.90 15.23 4.54
CA MET A 73 -20.55 15.76 4.46
C MET A 73 -20.45 17.12 5.14
N SER A 74 -20.96 17.24 6.37
CA SER A 74 -20.93 18.53 7.04
C SER A 74 -19.63 18.80 7.76
N SER A 75 -18.75 17.82 7.82
CA SER A 75 -17.46 17.96 8.46
C SER A 75 -16.37 18.36 7.48
N TYR A 76 -16.72 18.61 6.22
CA TYR A 76 -15.77 19.04 5.21
C TYR A 76 -15.82 20.53 4.95
N LEU A 77 -16.87 21.21 5.39
CA LEU A 77 -16.97 22.66 5.31
C LEU A 77 -16.38 23.35 6.53
N GLN A 78 -16.03 22.61 7.57
CA GLN A 78 -15.48 23.16 8.79
C GLN A 78 -14.06 23.67 8.54
N PRO A 79 -13.64 24.70 9.27
CA PRO A 79 -12.26 25.18 9.12
C PRO A 79 -11.26 24.18 9.68
N GLY A 80 -10.10 24.12 9.04
CA GLY A 80 -9.07 23.20 9.48
C GLY A 80 -9.29 21.76 9.09
N SER A 81 -10.15 21.52 8.09
CA SER A 81 -10.32 20.19 7.52
C SER A 81 -9.93 20.29 6.05
N ALA A 82 -8.63 20.14 5.77
CA ALA A 82 -8.12 20.31 4.42
C ALA A 82 -8.45 19.11 3.54
N GLY A 83 -9.70 19.00 3.12
CA GLY A 83 -10.11 17.94 2.23
C GLY A 83 -10.12 18.40 0.79
N ALA A 84 -10.92 17.74 -0.05
CA ALA A 84 -11.08 18.14 -1.44
C ALA A 84 -12.15 19.20 -1.61
N ILE A 85 -12.82 19.60 -0.54
CA ILE A 85 -13.88 20.60 -0.60
C ILE A 85 -13.26 21.99 -0.48
N VAL A 86 -12.60 22.26 0.66
CA VAL A 86 -12.08 23.60 0.91
C VAL A 86 -10.87 23.95 0.08
N GLN A 87 -10.29 23.00 -0.63
CA GLN A 87 -9.16 23.27 -1.50
C GLN A 87 -9.58 23.65 -2.90
N PHE A 88 -10.60 23.00 -3.46
CA PHE A 88 -10.97 23.21 -4.85
C PHE A 88 -12.36 23.81 -5.04
N ASN A 89 -13.34 23.50 -4.21
CA ASN A 89 -14.69 23.99 -4.45
C ASN A 89 -14.93 25.35 -3.81
N TYR A 90 -14.83 25.43 -2.48
CA TYR A 90 -15.29 26.62 -1.77
C TYR A 90 -14.55 26.73 -0.45
N LYS A 91 -13.90 27.87 -0.22
CA LYS A 91 -13.19 28.14 1.03
C LYS A 91 -13.82 29.34 1.69
N GLN A 92 -14.36 29.16 2.89
CA GLN A 92 -15.13 30.20 3.54
C GLN A 92 -14.24 31.29 4.08
N ASP A 93 -14.65 32.54 3.86
CA ASP A 93 -13.97 33.67 4.48
C ASP A 93 -14.25 33.71 5.98
N PHE A 94 -13.23 34.04 6.76
CA PHE A 94 -13.38 34.15 8.20
C PHE A 94 -13.02 35.53 8.74
N SER A 95 -12.49 36.42 7.91
CA SER A 95 -12.14 37.77 8.36
C SER A 95 -13.30 38.75 8.18
N ASN A 96 -14.48 38.34 8.67
CA ASN A 96 -15.75 39.03 8.62
C ASN A 96 -16.74 38.21 9.44
N PRO A 97 -17.79 38.82 10.00
CA PRO A 97 -18.80 38.01 10.72
C PRO A 97 -19.60 37.14 9.77
N THR A 98 -19.63 35.85 10.06
CA THR A 98 -20.22 34.87 9.16
C THR A 98 -20.93 33.78 9.95
N CYS A 99 -21.84 33.08 9.27
CA CYS A 99 -22.51 31.92 9.82
C CYS A 99 -22.55 30.84 8.74
N ARG A 100 -23.17 29.71 9.07
CA ARG A 100 -23.27 28.61 8.11
C ARG A 100 -24.46 27.74 8.51
N VAL A 101 -25.48 27.71 7.66
CA VAL A 101 -26.69 26.93 7.89
C VAL A 101 -26.68 25.75 6.93
N LEU A 102 -27.21 24.61 7.36
CA LEU A 102 -27.39 23.45 6.49
C LEU A 102 -28.83 22.97 6.63
N ALA A 103 -29.61 23.17 5.58
CA ALA A 103 -31.05 22.94 5.61
C ALA A 103 -31.39 21.56 5.04
N THR A 104 -32.67 21.19 5.20
CA THR A 104 -33.17 19.87 4.86
C THR A 104 -34.51 20.00 4.13
N VAL A 105 -34.49 20.76 3.03
CA VAL A 105 -35.62 21.36 2.29
C VAL A 105 -36.86 20.48 2.19
N PRO A 106 -38.00 20.92 2.72
CA PRO A 106 -39.17 20.03 2.82
C PRO A 106 -39.86 19.85 1.47
N GLN A 107 -40.74 18.85 1.44
CA GLN A 107 -41.51 18.60 0.22
C GLN A 107 -42.66 19.57 0.07
N ASN A 108 -43.07 20.25 1.14
CA ASN A 108 -44.10 21.27 1.04
C ASN A 108 -43.58 22.55 0.39
N LEU A 109 -42.26 22.69 0.23
CA LEU A 109 -41.70 23.75 -0.60
C LEU A 109 -41.73 23.26 -2.05
N THR A 110 -42.78 23.66 -2.76
CA THR A 110 -43.04 23.13 -4.08
C THR A 110 -42.29 23.86 -5.19
N THR A 111 -41.85 25.10 -4.93
CA THR A 111 -41.22 25.89 -5.98
C THR A 111 -39.80 25.44 -6.27
N ILE A 112 -39.06 24.98 -5.27
CA ILE A 112 -37.72 24.46 -5.47
C ILE A 112 -37.81 23.10 -6.15
N THR A 113 -37.18 22.97 -7.30
CA THR A 113 -37.10 21.68 -7.98
C THR A 113 -35.85 20.93 -7.55
N LYS A 114 -35.78 19.68 -7.96
CA LYS A 114 -34.70 18.83 -7.47
C LYS A 114 -33.74 18.48 -8.60
N PRO A 115 -32.43 18.52 -8.36
CA PRO A 115 -31.48 18.10 -9.38
C PRO A 115 -31.35 16.58 -9.40
N SER A 116 -30.48 16.10 -10.29
CA SER A 116 -30.30 14.66 -10.44
C SER A 116 -29.19 14.11 -9.57
N ASN A 117 -28.11 14.87 -9.37
CA ASN A 117 -26.98 14.43 -8.58
C ASN A 117 -26.40 15.58 -7.80
N TYR A 118 -25.78 15.25 -6.67
CA TYR A 118 -24.83 16.15 -6.04
C TYR A 118 -23.48 16.04 -6.76
N ALA A 119 -22.66 17.06 -6.62
CA ALA A 119 -21.42 17.09 -7.38
C ALA A 119 -20.42 18.02 -6.70
N TYR A 120 -19.15 17.66 -6.80
CA TYR A 120 -18.07 18.56 -6.45
C TYR A 120 -16.88 18.27 -7.36
N LEU A 121 -15.73 18.86 -7.04
CA LEU A 121 -14.52 18.68 -7.82
C LEU A 121 -13.46 18.02 -6.96
N THR A 122 -12.69 17.11 -7.55
CA THR A 122 -11.66 16.42 -6.79
C THR A 122 -10.25 16.92 -7.07
N GLU A 123 -10.02 17.56 -8.22
CA GLU A 123 -8.75 18.21 -8.49
C GLU A 123 -8.94 19.28 -9.56
N CYS A 124 -8.08 20.28 -9.53
CA CYS A 124 -8.03 21.32 -10.54
C CYS A 124 -6.59 21.79 -10.59
N TYR A 125 -5.87 21.38 -11.63
CA TYR A 125 -4.42 21.52 -11.67
C TYR A 125 -4.01 22.01 -13.06
N LYS A 126 -2.70 22.06 -13.28
CA LYS A 126 -2.13 22.57 -14.53
C LYS A 126 -0.95 21.69 -14.89
N THR A 127 -1.11 20.86 -15.91
CA THR A 127 -0.15 19.81 -16.21
C THR A 127 1.11 20.35 -16.87
N SER A 128 2.22 19.65 -16.64
CA SER A 128 3.51 19.98 -17.23
C SER A 128 4.32 18.70 -17.30
N ALA A 129 5.62 18.83 -17.56
CA ALA A 129 6.51 17.69 -17.58
C ALA A 129 7.03 17.30 -16.21
N TYR A 130 6.93 18.20 -15.23
CA TYR A 130 7.42 17.95 -13.88
C TYR A 130 6.33 17.50 -12.93
N GLY A 131 5.11 17.30 -13.42
CA GLY A 131 4.05 16.80 -12.56
C GLY A 131 2.79 17.64 -12.59
N LYS A 132 2.10 17.68 -11.46
CA LYS A 132 0.89 18.46 -11.29
C LYS A 132 1.19 19.73 -10.51
N ASN A 133 0.61 20.83 -10.96
CA ASN A 133 0.70 22.11 -10.26
C ASN A 133 -0.70 22.47 -9.81
N TYR A 134 -0.97 22.30 -8.52
CA TYR A 134 -2.33 22.43 -8.01
C TYR A 134 -2.73 23.89 -7.89
N LEU A 135 -3.99 24.17 -8.19
CA LEU A 135 -4.55 25.51 -8.11
C LEU A 135 -5.57 25.53 -6.97
N TYR A 136 -5.09 25.84 -5.77
CA TYR A 136 -5.96 25.89 -4.60
C TYR A 136 -6.82 27.14 -4.63
N ASN A 137 -7.90 27.10 -3.86
CA ASN A 137 -8.90 28.15 -3.87
C ASN A 137 -8.48 29.30 -2.97
N ALA A 138 -8.94 30.49 -3.34
CA ALA A 138 -8.79 31.67 -2.52
C ALA A 138 -10.02 31.86 -1.64
N PRO A 139 -9.87 32.42 -0.43
CA PRO A 139 -11.02 32.55 0.47
C PRO A 139 -12.09 33.52 -0.02
N GLY A 140 -13.28 32.99 -0.32
CA GLY A 140 -14.38 33.79 -0.79
C GLY A 140 -14.48 33.94 -2.29
N ALA A 141 -13.65 33.24 -3.06
CA ALA A 141 -13.61 33.39 -4.50
C ALA A 141 -13.97 32.08 -5.19
N TYR A 142 -14.28 32.19 -6.47
CA TYR A 142 -14.62 31.04 -7.28
C TYR A 142 -13.36 30.25 -7.62
N THR A 143 -13.56 29.04 -8.10
CA THR A 143 -12.43 28.22 -8.47
C THR A 143 -11.89 28.66 -9.83
N PRO A 144 -10.59 28.53 -10.06
CA PRO A 144 -10.03 28.90 -11.38
C PRO A 144 -10.42 27.96 -12.50
N CYS A 145 -10.98 26.80 -12.20
CA CYS A 145 -11.46 25.85 -13.19
C CYS A 145 -12.96 25.96 -13.42
N LEU A 146 -13.51 27.17 -13.35
CA LEU A 146 -14.97 27.31 -13.39
C LEU A 146 -15.51 27.23 -14.81
N SER A 147 -14.82 27.85 -15.78
CA SER A 147 -15.29 27.82 -17.16
C SER A 147 -15.06 26.45 -17.80
N LEU A 148 -14.25 25.60 -17.19
CA LEU A 148 -14.02 24.24 -17.65
C LEU A 148 -15.07 23.27 -17.12
N ALA A 149 -15.44 23.40 -15.85
CA ALA A 149 -16.44 22.53 -15.25
C ALA A 149 -17.85 22.84 -15.71
N SER A 150 -18.07 23.95 -16.41
CA SER A 150 -19.39 24.31 -16.92
C SER A 150 -19.65 23.70 -18.29
N ARG A 151 -19.41 22.39 -18.39
CA ARG A 151 -19.87 21.57 -19.50
C ARG A 151 -20.76 20.43 -19.04
N GLY A 152 -20.66 20.04 -17.77
CA GLY A 152 -21.47 18.97 -17.23
C GLY A 152 -20.66 17.72 -16.99
N PHE A 153 -20.85 17.10 -15.84
CA PHE A 153 -20.25 15.81 -15.53
C PHE A 153 -21.32 14.73 -15.64
N SER A 154 -20.94 13.60 -16.24
CA SER A 154 -21.88 12.50 -16.42
C SER A 154 -21.58 11.28 -15.56
N THR A 155 -20.33 11.11 -15.13
CA THR A 155 -19.93 9.95 -14.35
C THR A 155 -18.95 10.39 -13.29
N LYS A 156 -18.54 9.45 -12.44
CA LYS A 156 -17.54 9.75 -11.43
C LYS A 156 -16.17 9.86 -12.06
N TYR A 157 -15.41 10.87 -11.62
CA TYR A 157 -14.02 11.12 -12.01
C TYR A 157 -13.87 11.31 -13.52
N GLN A 158 -14.80 12.04 -14.11
CA GLN A 158 -14.71 12.43 -15.50
C GLN A 158 -13.97 13.75 -15.59
N SER A 159 -12.86 13.78 -16.31
CA SER A 159 -12.04 14.97 -16.35
C SER A 159 -12.34 15.81 -17.59
N HIS A 160 -11.82 17.03 -17.59
CA HIS A 160 -12.05 17.97 -18.68
C HIS A 160 -10.81 18.83 -18.86
N SER A 161 -10.00 18.50 -19.86
CA SER A 161 -8.81 19.27 -20.16
C SER A 161 -9.12 20.29 -21.24
N ASP A 162 -8.51 21.47 -21.14
CA ASP A 162 -8.60 22.46 -22.20
C ASP A 162 -7.32 23.28 -22.18
N GLY A 163 -6.34 22.88 -22.97
CA GLY A 163 -5.10 23.61 -23.04
C GLY A 163 -4.23 23.34 -21.82
N GLU A 164 -4.15 24.32 -20.92
CA GLU A 164 -3.34 24.20 -19.72
C GLU A 164 -4.09 23.51 -18.58
N LEU A 165 -5.27 24.01 -18.22
CA LEU A 165 -5.96 23.54 -17.03
C LEU A 165 -6.58 22.17 -17.25
N THR A 166 -6.83 21.47 -16.13
CA THR A 166 -7.46 20.15 -16.18
C THR A 166 -8.23 19.93 -14.89
N THR A 167 -9.55 19.90 -14.96
CA THR A 167 -10.41 19.72 -13.81
C THR A 167 -10.98 18.31 -13.80
N THR A 168 -11.60 17.92 -12.68
CA THR A 168 -12.14 16.57 -12.55
C THR A 168 -13.33 16.59 -11.60
N GLY A 169 -14.47 16.08 -12.06
CA GLY A 169 -15.68 16.07 -11.26
C GLY A 169 -15.86 14.77 -10.47
N TYR A 170 -16.96 14.72 -9.73
CA TYR A 170 -17.37 13.53 -9.00
C TYR A 170 -18.84 13.71 -8.66
N ILE A 171 -19.70 12.79 -9.09
CA ILE A 171 -21.13 12.89 -8.82
C ILE A 171 -21.60 11.66 -8.05
N TYR A 172 -22.74 11.82 -7.37
CA TYR A 172 -23.40 10.74 -6.65
C TYR A 172 -24.86 11.13 -6.48
N PRO A 173 -25.80 10.19 -6.56
CA PRO A 173 -27.22 10.56 -6.72
C PRO A 173 -27.87 11.06 -5.43
N VAL A 174 -29.00 11.72 -5.63
CA VAL A 174 -29.75 12.36 -4.56
C VAL A 174 -30.73 11.37 -3.95
N THR A 175 -30.68 11.22 -2.64
CA THR A 175 -31.60 10.33 -1.92
C THR A 175 -32.48 11.14 -0.99
N GLY A 176 -33.79 10.89 -1.07
CA GLY A 176 -34.72 11.57 -0.19
C GLY A 176 -34.95 13.02 -0.60
N ASN A 177 -35.09 13.87 0.41
CA ASN A 177 -35.32 15.29 0.18
C ASN A 177 -34.01 16.00 -0.14
N LEU A 178 -34.12 17.25 -0.55
CA LEU A 178 -32.97 18.04 -0.95
C LEU A 178 -32.40 18.76 0.26
N GLN A 179 -31.08 18.95 0.25
CA GLN A 179 -30.36 19.61 1.32
C GLN A 179 -29.46 20.68 0.73
N MET A 180 -29.48 21.87 1.34
CA MET A 180 -28.76 23.03 0.84
C MET A 180 -27.78 23.52 1.90
N ALA A 181 -27.19 24.68 1.64
CA ALA A 181 -26.22 25.27 2.56
C ALA A 181 -26.16 26.77 2.31
N PHE A 182 -26.30 27.56 3.37
CA PHE A 182 -26.38 29.01 3.25
C PHE A 182 -25.27 29.66 4.07
N ILE A 183 -24.32 30.29 3.39
CA ILE A 183 -23.16 30.90 4.03
C ILE A 183 -23.44 32.40 4.14
N ILE A 184 -24.03 32.82 5.24
CA ILE A 184 -24.49 34.20 5.42
C ILE A 184 -23.39 35.00 6.10
N SER A 185 -22.97 36.10 5.47
CA SER A 185 -21.91 36.96 5.99
C SER A 185 -22.33 38.42 5.92
N VAL A 186 -21.98 39.19 6.94
CA VAL A 186 -22.31 40.60 7.02
C VAL A 186 -21.03 41.43 7.06
N GLN A 187 -21.20 42.74 7.03
CA GLN A 187 -20.10 43.68 7.23
C GLN A 187 -20.64 44.89 7.97
N TYR A 188 -19.97 45.26 9.06
CA TYR A 188 -20.39 46.40 9.85
C TYR A 188 -20.07 47.70 9.14
N GLY A 189 -21.02 48.63 9.14
CA GLY A 189 -20.85 49.89 8.46
C GLY A 189 -20.08 50.91 9.29
N THR A 190 -19.70 51.99 8.62
CA THR A 190 -18.96 53.08 9.25
C THR A 190 -19.68 54.43 9.15
N ASP A 191 -20.35 54.69 8.02
CA ASP A 191 -21.02 55.96 7.80
C ASP A 191 -22.54 55.80 7.72
N THR A 192 -23.02 54.96 6.81
CA THR A 192 -24.44 54.72 6.62
C THR A 192 -24.72 53.23 6.73
N ASN A 193 -25.65 52.85 7.59
CA ASN A 193 -26.06 51.46 7.77
C ASN A 193 -27.46 51.31 7.19
N SER A 194 -27.53 50.84 5.95
CA SER A 194 -28.79 50.70 5.24
C SER A 194 -29.37 49.29 5.30
N VAL A 195 -28.63 48.32 5.81
CA VAL A 195 -29.14 46.96 5.99
C VAL A 195 -29.61 46.88 7.43
N CYS A 196 -30.87 47.25 7.66
CA CYS A 196 -31.53 47.25 8.96
C CYS A 196 -32.81 46.42 8.87
N PRO A 197 -33.18 45.70 9.94
CA PRO A 197 -34.18 44.64 9.80
C PRO A 197 -35.60 45.16 9.61
N MET A 198 -36.49 44.22 9.31
CA MET A 198 -37.91 44.51 9.17
C MET A 198 -38.59 44.29 10.51
N GLN A 199 -39.22 45.35 11.03
CA GLN A 199 -39.81 45.33 12.36
C GLN A 199 -41.32 45.57 12.31
N GLN B 18 16.99 20.84 -32.10
CA GLN B 18 15.95 21.56 -31.37
C GLN B 18 16.16 21.40 -29.86
N ASP B 19 17.43 21.35 -29.45
CA ASP B 19 17.85 21.32 -28.04
C ASP B 19 17.22 20.15 -27.29
N ILE B 20 17.66 18.92 -27.59
CA ILE B 20 17.02 17.62 -27.35
C ILE B 20 16.33 17.46 -26.01
N GLY B 21 16.83 18.14 -24.97
CA GLY B 21 16.11 18.23 -23.71
C GLY B 21 14.76 18.90 -23.84
N GLN B 22 14.65 19.89 -24.72
CA GLN B 22 13.37 20.56 -24.93
C GLN B 22 12.39 19.72 -25.72
N GLN B 23 12.87 18.94 -26.71
CA GLN B 23 12.01 17.98 -27.38
C GLN B 23 11.54 16.89 -26.43
N ALA B 24 12.43 16.46 -25.51
CA ALA B 24 12.05 15.51 -24.49
C ALA B 24 11.01 16.10 -23.53
N GLN B 25 11.12 17.40 -23.25
CA GLN B 25 10.12 18.05 -22.40
C GLN B 25 8.77 18.12 -23.09
N GLU B 26 8.76 18.42 -24.39
CA GLU B 26 7.52 18.40 -25.16
C GLU B 26 6.89 17.01 -25.18
N PHE B 27 7.71 15.98 -25.41
CA PHE B 27 7.19 14.61 -25.48
C PHE B 27 6.66 14.14 -24.13
N LEU B 28 7.37 14.47 -23.04
CA LEU B 28 6.89 14.07 -21.72
C LEU B 28 5.65 14.84 -21.30
N GLU B 29 5.50 16.09 -21.75
CA GLU B 29 4.27 16.82 -21.47
C GLU B 29 3.09 16.21 -22.20
N GLU B 30 3.28 15.81 -23.46
CA GLU B 30 2.19 15.18 -24.19
C GLU B 30 1.84 13.80 -23.62
N PHE B 31 2.86 13.06 -23.19
CA PHE B 31 2.61 11.76 -22.56
C PHE B 31 1.88 11.93 -21.24
N ASN B 32 2.26 12.92 -20.43
CA ASN B 32 1.58 13.12 -19.15
C ASN B 32 0.16 13.62 -19.34
N ARG B 33 -0.12 14.31 -20.46
CA ARG B 33 -1.51 14.67 -20.73
C ARG B 33 -2.34 13.46 -21.15
N ARG B 34 -1.83 12.62 -22.05
CA ARG B 34 -2.66 11.56 -22.59
C ARG B 34 -2.63 10.26 -21.81
N ALA B 35 -1.72 10.10 -20.84
CA ALA B 35 -1.56 8.83 -20.14
C ALA B 35 -2.35 8.75 -18.85
N GLU B 36 -3.31 9.64 -18.65
CA GLU B 36 -4.10 9.64 -17.42
C GLU B 36 -5.52 9.15 -17.62
N ASP B 37 -6.11 9.39 -18.80
CA ASP B 37 -7.43 8.87 -19.11
C ASP B 37 -7.40 7.40 -19.51
N ILE B 38 -6.25 6.92 -20.00
CA ILE B 38 -6.12 5.52 -20.41
C ILE B 38 -5.70 4.62 -19.26
N SER B 39 -4.97 5.13 -18.28
CA SER B 39 -4.58 4.36 -17.12
C SER B 39 -5.63 4.38 -16.02
N TYR B 40 -6.67 5.20 -16.13
CA TYR B 40 -7.77 5.12 -15.17
C TYR B 40 -8.84 4.15 -15.63
N GLU B 41 -9.13 4.11 -16.92
CA GLU B 41 -10.07 3.14 -17.47
C GLU B 41 -9.56 1.72 -17.28
N SER B 42 -8.26 1.51 -17.44
CA SER B 42 -7.63 0.21 -17.28
C SER B 42 -7.43 -0.21 -15.84
N SER B 43 -7.79 0.63 -14.86
CA SER B 43 -7.83 0.23 -13.47
C SER B 43 -9.24 0.17 -12.93
N LEU B 44 -10.16 0.97 -13.46
CA LEU B 44 -11.56 0.80 -13.15
C LEU B 44 -12.09 -0.50 -13.74
N ALA B 45 -11.58 -0.92 -14.89
CA ALA B 45 -11.99 -2.20 -15.47
C ALA B 45 -11.46 -3.39 -14.68
N SER B 46 -10.47 -3.20 -13.82
CA SER B 46 -10.00 -4.24 -12.92
C SER B 46 -10.65 -4.20 -11.56
N TRP B 47 -11.01 -3.01 -11.07
CA TRP B 47 -11.82 -2.94 -9.86
C TRP B 47 -13.20 -3.52 -10.10
N ASN B 48 -13.77 -3.30 -11.29
CA ASN B 48 -15.07 -3.86 -11.61
C ASN B 48 -15.02 -5.34 -11.95
N TYR B 49 -13.85 -5.96 -11.95
CA TYR B 49 -13.73 -7.40 -12.08
C TYR B 49 -13.39 -8.08 -10.75
N ASN B 50 -12.45 -7.51 -9.99
CA ASN B 50 -11.99 -8.17 -8.77
C ASN B 50 -13.03 -8.18 -7.66
N THR B 51 -14.05 -7.32 -7.72
CA THR B 51 -15.11 -7.34 -6.74
C THR B 51 -16.44 -7.83 -7.29
N ASN B 52 -16.54 -8.05 -8.60
CA ASN B 52 -17.76 -8.53 -9.23
C ASN B 52 -17.39 -9.54 -10.32
N ILE B 53 -16.68 -10.60 -9.93
CA ILE B 53 -16.21 -11.65 -10.85
C ILE B 53 -17.36 -12.25 -11.65
N THR B 54 -17.32 -12.04 -12.96
CA THR B 54 -18.30 -12.53 -13.92
C THR B 54 -17.56 -12.77 -15.23
N GLU B 55 -18.29 -12.87 -16.33
CA GLU B 55 -17.69 -13.05 -17.64
C GLU B 55 -17.62 -11.75 -18.43
N GLU B 56 -18.64 -10.91 -18.34
CA GLU B 56 -18.62 -9.63 -19.05
C GLU B 56 -17.57 -8.70 -18.46
N ASN B 57 -17.38 -8.74 -17.14
CA ASN B 57 -16.31 -7.98 -16.51
C ASN B 57 -14.94 -8.54 -16.89
N ALA B 58 -14.85 -9.87 -17.06
CA ALA B 58 -13.61 -10.48 -17.51
C ALA B 58 -13.27 -10.08 -18.93
N LYS B 59 -14.28 -9.84 -19.76
CA LYS B 59 -14.02 -9.37 -21.11
C LYS B 59 -13.64 -7.90 -21.11
N LYS B 60 -14.31 -7.09 -20.29
CA LYS B 60 -14.04 -5.65 -20.26
C LYS B 60 -12.65 -5.36 -19.69
N MET B 61 -12.21 -6.14 -18.70
CA MET B 61 -10.87 -5.96 -18.13
C MET B 61 -9.77 -6.21 -19.15
N ASN B 62 -9.89 -7.27 -19.94
CA ASN B 62 -8.89 -7.56 -20.95
C ASN B 62 -8.93 -6.57 -22.11
N GLU B 63 -10.13 -6.24 -22.60
CA GLU B 63 -10.22 -5.32 -23.72
C GLU B 63 -9.98 -3.86 -23.33
N ALA B 64 -9.90 -3.56 -22.04
CA ALA B 64 -9.51 -2.23 -21.59
C ALA B 64 -8.08 -2.19 -21.06
N GLY B 65 -7.48 -3.35 -20.80
CA GLY B 65 -6.08 -3.37 -20.44
C GLY B 65 -5.18 -3.70 -21.61
N ALA B 66 -5.77 -4.01 -22.76
CA ALA B 66 -4.97 -4.23 -23.97
C ALA B 66 -4.87 -2.99 -24.85
N ARG B 67 -5.48 -1.87 -24.45
CA ARG B 67 -5.20 -0.60 -25.12
C ARG B 67 -4.09 0.17 -24.43
N TRP B 68 -4.00 0.02 -23.10
CA TRP B 68 -2.95 0.67 -22.33
C TRP B 68 -1.58 0.09 -22.66
N SER B 69 -1.51 -1.20 -22.95
CA SER B 69 -0.22 -1.80 -23.29
C SER B 69 0.24 -1.36 -24.68
N ALA B 70 -0.70 -1.22 -25.62
CA ALA B 70 -0.35 -0.70 -26.94
C ALA B 70 0.08 0.76 -26.87
N PHE B 71 -0.61 1.56 -26.05
CA PHE B 71 -0.22 2.97 -25.87
C PHE B 71 1.15 3.09 -25.20
N TYR B 72 1.40 2.28 -24.19
CA TYR B 72 2.69 2.32 -23.50
C TYR B 72 3.82 1.83 -24.39
N ASP B 73 3.55 0.86 -25.27
CA ASP B 73 4.60 0.39 -26.17
C ASP B 73 4.88 1.40 -27.27
N THR B 74 3.85 2.11 -27.72
CA THR B 74 4.08 3.22 -28.65
C THR B 74 4.88 4.33 -27.99
N ALA B 75 4.62 4.58 -26.69
CA ALA B 75 5.39 5.56 -25.95
C ALA B 75 6.84 5.14 -25.80
N SER B 76 7.10 3.85 -25.59
CA SER B 76 8.48 3.38 -25.45
C SER B 76 9.22 3.45 -26.78
N ARG B 77 8.56 3.10 -27.88
CA ARG B 77 9.21 3.23 -29.18
C ARG B 77 9.42 4.70 -29.57
N ASN B 78 8.56 5.60 -29.10
CA ASN B 78 8.80 7.02 -29.30
C ASN B 78 9.97 7.51 -28.48
N ALA B 79 10.05 7.09 -27.22
CA ALA B 79 11.07 7.57 -26.30
C ALA B 79 12.43 6.94 -26.52
N SER B 80 12.52 5.86 -27.29
CA SER B 80 13.83 5.35 -27.66
C SER B 80 14.39 6.06 -28.88
N LYS B 81 14.38 7.39 -28.87
CA LYS B 81 14.96 8.22 -29.92
C LYS B 81 15.84 9.33 -29.39
N PHE B 82 15.59 9.85 -28.19
CA PHE B 82 16.45 10.85 -27.58
C PHE B 82 17.57 10.15 -26.81
N PRO B 83 18.83 10.31 -27.20
CA PRO B 83 19.92 9.71 -26.42
C PRO B 83 20.07 10.42 -25.08
N VAL B 84 20.10 9.62 -24.01
CA VAL B 84 20.06 10.19 -22.66
C VAL B 84 21.38 10.77 -22.21
N ASP B 85 22.42 10.75 -23.05
CA ASP B 85 23.67 11.44 -22.77
C ASP B 85 23.68 12.87 -23.32
N SER B 86 22.51 13.46 -23.55
CA SER B 86 22.43 14.83 -24.02
C SER B 86 21.45 15.62 -23.17
N ILE B 87 20.49 14.93 -22.56
CA ILE B 87 19.53 15.58 -21.67
C ILE B 87 20.23 15.88 -20.35
N GLU B 88 20.43 17.16 -20.06
CA GLU B 88 21.21 17.59 -18.90
C GLU B 88 20.33 17.99 -17.72
N ASP B 89 19.06 17.60 -17.73
CA ASP B 89 18.18 17.82 -16.60
C ASP B 89 18.21 16.59 -15.69
N ASP B 90 17.32 16.52 -14.71
CA ASP B 90 17.26 15.38 -13.80
C ASP B 90 15.97 14.60 -13.94
N LEU B 91 14.82 15.25 -13.80
CA LEU B 91 13.54 14.56 -13.95
C LEU B 91 13.11 14.42 -15.40
N ILE B 92 13.82 15.01 -16.35
CA ILE B 92 13.61 14.72 -17.75
C ILE B 92 14.64 13.74 -18.28
N LYS B 93 15.59 13.31 -17.45
CA LYS B 93 16.44 12.19 -17.76
C LYS B 93 16.07 10.95 -16.96
N LEU B 94 15.36 11.10 -15.85
CA LEU B 94 14.89 9.97 -15.08
C LEU B 94 13.60 9.38 -15.64
N GLN B 95 12.96 10.02 -16.61
CA GLN B 95 11.76 9.46 -17.21
C GLN B 95 11.98 8.88 -18.59
N ILE B 96 12.88 9.47 -19.37
CA ILE B 96 13.27 8.88 -20.64
C ILE B 96 13.95 7.53 -20.42
N GLN B 97 14.69 7.38 -19.31
CA GLN B 97 15.33 6.12 -19.00
C GLN B 97 14.35 5.06 -18.49
N ILE B 98 13.22 5.46 -17.90
CA ILE B 98 12.20 4.48 -17.55
C ILE B 98 11.43 4.07 -18.80
N LEU B 99 11.13 5.03 -19.67
CA LEU B 99 10.39 4.70 -20.89
C LEU B 99 11.24 3.95 -21.91
N GLN B 100 12.56 4.02 -21.82
CA GLN B 100 13.41 3.24 -22.71
C GLN B 100 13.60 1.80 -22.24
N ASP B 101 13.19 1.48 -21.02
CA ASP B 101 13.22 0.11 -20.52
C ASP B 101 12.08 -0.65 -21.18
N ARG B 102 12.39 -1.27 -22.32
CA ARG B 102 11.35 -1.90 -23.13
C ARG B 102 10.79 -3.14 -22.45
N GLY B 103 11.63 -4.11 -22.15
CA GLY B 103 11.17 -5.34 -21.55
C GLY B 103 11.30 -6.52 -22.49
N SER B 104 10.34 -7.43 -22.45
CA SER B 104 10.39 -8.64 -23.26
C SER B 104 10.08 -8.39 -24.73
N SER B 105 9.61 -7.20 -25.10
CA SER B 105 9.15 -6.91 -26.44
C SER B 105 10.28 -6.58 -27.41
N VAL B 106 11.53 -6.86 -27.03
CA VAL B 106 12.66 -6.62 -27.91
C VAL B 106 12.99 -7.85 -28.75
N LEU B 107 12.37 -8.99 -28.47
CA LEU B 107 12.70 -10.24 -29.15
C LEU B 107 12.09 -10.28 -30.54
N THR B 108 12.44 -11.34 -31.27
CA THR B 108 11.85 -11.63 -32.57
C THR B 108 10.38 -11.98 -32.39
N PRO B 109 9.54 -11.78 -33.43
CA PRO B 109 8.09 -12.02 -33.26
C PRO B 109 7.67 -13.47 -33.11
N GLU B 110 8.58 -14.45 -33.11
CA GLU B 110 8.21 -15.82 -32.77
C GLU B 110 8.83 -16.31 -31.47
N LYS B 111 9.99 -15.79 -31.08
CA LYS B 111 10.55 -16.12 -29.78
C LYS B 111 9.73 -15.50 -28.66
N TYR B 112 8.99 -14.43 -28.94
CA TYR B 112 8.08 -13.89 -27.94
C TYR B 112 6.92 -14.84 -27.68
N ASN B 113 6.37 -15.47 -28.72
CA ASN B 113 5.34 -16.47 -28.53
C ASN B 113 5.88 -17.73 -27.88
N ARG B 114 7.12 -18.10 -28.18
CA ARG B 114 7.75 -19.23 -27.51
C ARG B 114 7.96 -18.95 -26.02
N LEU B 115 8.36 -17.72 -25.69
CA LEU B 115 8.53 -17.33 -24.29
C LEU B 115 7.21 -17.29 -23.55
N GLY B 116 6.15 -16.82 -24.21
CA GLY B 116 4.83 -16.86 -23.60
C GLY B 116 4.32 -18.27 -23.38
N THR B 117 4.63 -19.17 -24.31
CA THR B 117 4.25 -20.58 -24.17
C THR B 117 4.95 -21.22 -22.97
N VAL B 118 6.26 -20.99 -22.83
CA VAL B 118 7.02 -21.56 -21.71
C VAL B 118 6.55 -20.96 -20.38
N LEU B 119 6.39 -19.64 -20.34
CA LEU B 119 6.02 -18.98 -19.09
C LEU B 119 4.57 -19.18 -18.71
N SER B 120 3.72 -19.67 -19.61
CA SER B 120 2.38 -20.04 -19.19
C SER B 120 2.30 -21.53 -18.84
N THR B 121 3.09 -22.36 -19.52
CA THR B 121 3.10 -23.79 -19.22
C THR B 121 3.67 -24.07 -17.84
N MET B 122 4.71 -23.33 -17.43
CA MET B 122 5.28 -23.49 -16.10
C MET B 122 4.28 -23.11 -15.00
N SER B 123 3.56 -22.01 -15.21
CA SER B 123 2.55 -21.60 -14.25
C SER B 123 1.38 -22.56 -14.16
N THR B 124 0.96 -23.15 -15.27
CA THR B 124 -0.12 -24.13 -15.22
C THR B 124 0.33 -25.44 -14.56
N ILE B 125 1.58 -25.85 -14.81
CA ILE B 125 2.13 -27.04 -14.16
C ILE B 125 2.22 -26.83 -12.65
N TYR B 126 2.61 -25.63 -12.22
CA TYR B 126 2.64 -25.36 -10.78
C TYR B 126 1.23 -25.29 -10.20
N SER B 127 0.27 -24.77 -10.95
CA SER B 127 -1.08 -24.59 -10.40
C SER B 127 -1.82 -25.90 -10.24
N THR B 128 -1.77 -26.76 -11.26
CA THR B 128 -2.49 -28.03 -11.20
C THR B 128 -1.54 -29.16 -10.79
N GLY B 129 -1.10 -29.08 -9.53
CA GLY B 129 -0.16 -30.06 -9.03
C GLY B 129 -0.74 -30.96 -7.95
N THR B 130 -0.70 -32.27 -8.19
CA THR B 130 -1.31 -33.24 -7.29
C THR B 130 -0.28 -34.29 -6.87
N VAL B 131 -0.48 -34.83 -5.67
CA VAL B 131 0.28 -35.96 -5.16
C VAL B 131 -0.70 -37.04 -4.78
N CYS B 132 -0.51 -38.24 -5.33
CA CYS B 132 -1.38 -39.38 -5.08
C CYS B 132 -0.63 -40.41 -4.25
N LYS B 133 -1.27 -40.91 -3.20
CA LYS B 133 -0.57 -41.73 -2.22
C LYS B 133 -0.50 -43.19 -2.66
N ILE B 134 0.38 -43.93 -2.00
CA ILE B 134 0.66 -45.30 -2.38
C ILE B 134 -0.40 -46.25 -1.83
N ASN B 135 -1.12 -45.84 -0.77
CA ASN B 135 -2.12 -46.70 -0.17
C ASN B 135 -3.34 -46.83 -1.07
N ASN B 136 -3.98 -45.71 -1.40
CA ASN B 136 -5.06 -45.68 -2.39
C ASN B 136 -4.66 -44.72 -3.49
N PRO B 137 -4.34 -45.21 -4.70
CA PRO B 137 -3.90 -44.31 -5.77
C PRO B 137 -4.99 -43.41 -6.33
N SER B 138 -6.26 -43.68 -6.03
CA SER B 138 -7.32 -42.78 -6.47
C SER B 138 -7.39 -41.52 -5.63
N GLU B 139 -6.89 -41.58 -4.39
CA GLU B 139 -6.91 -40.43 -3.49
C GLU B 139 -5.71 -39.55 -3.77
N CYS B 140 -5.95 -38.32 -4.24
CA CYS B 140 -4.90 -37.39 -4.59
C CYS B 140 -5.16 -36.05 -3.92
N LEU B 141 -4.10 -35.29 -3.69
CA LEU B 141 -4.19 -34.04 -2.93
C LEU B 141 -3.51 -32.91 -3.68
N VAL B 142 -4.20 -31.77 -3.80
CA VAL B 142 -3.64 -30.55 -4.35
C VAL B 142 -2.84 -29.84 -3.28
N LEU B 143 -2.09 -28.81 -3.67
CA LEU B 143 -1.31 -28.06 -2.69
C LEU B 143 -2.21 -27.26 -1.76
N GLU B 144 -2.96 -26.31 -2.31
CA GLU B 144 -3.89 -25.52 -1.52
C GLU B 144 -5.31 -26.01 -1.78
N PRO B 145 -6.06 -26.45 -0.77
CA PRO B 145 -5.71 -26.50 0.65
C PRO B 145 -5.48 -27.92 1.18
N GLY B 146 -4.87 -28.78 0.38
CA GLY B 146 -4.67 -30.16 0.77
C GLY B 146 -3.36 -30.45 1.47
N LEU B 147 -2.24 -30.07 0.86
CA LEU B 147 -0.93 -30.39 1.39
C LEU B 147 -0.46 -29.41 2.47
N ASP B 148 -0.96 -28.18 2.47
CA ASP B 148 -0.61 -27.23 3.52
C ASP B 148 -1.62 -27.29 4.67
N ALA B 149 -1.93 -28.51 5.07
CA ALA B 149 -2.36 -28.85 6.41
C ALA B 149 -1.59 -30.05 6.93
N ILE B 150 -1.20 -30.98 6.07
CA ILE B 150 -0.25 -32.02 6.41
C ILE B 150 1.09 -31.40 6.77
N MET B 151 1.57 -30.46 5.95
CA MET B 151 2.86 -29.84 6.17
C MET B 151 2.79 -28.59 7.03
N ALA B 152 1.71 -28.43 7.80
CA ALA B 152 1.64 -27.37 8.79
C ALA B 152 1.05 -27.80 10.12
N ASP B 153 0.41 -28.97 10.21
CA ASP B 153 -0.17 -29.39 11.47
C ASP B 153 0.50 -30.65 12.01
N SER B 154 0.91 -31.55 11.12
CA SER B 154 1.30 -32.89 11.51
C SER B 154 2.66 -32.91 12.20
N THR B 155 2.83 -33.88 13.10
CA THR B 155 4.10 -34.15 13.76
C THR B 155 4.56 -35.58 13.46
N ASP B 156 4.16 -36.11 12.32
CA ASP B 156 4.55 -37.44 11.89
C ASP B 156 5.68 -37.33 10.88
N TYR B 157 6.74 -38.10 11.09
CA TYR B 157 7.92 -38.00 10.23
C TYR B 157 7.62 -38.51 8.83
N HIS B 158 7.07 -39.73 8.71
CA HIS B 158 6.90 -40.36 7.42
C HIS B 158 5.81 -39.72 6.57
N GLU B 159 4.77 -39.16 7.19
CA GLU B 159 3.74 -38.45 6.45
C GLU B 159 4.29 -37.17 5.84
N ARG B 160 5.06 -36.42 6.61
CA ARG B 160 5.70 -35.22 6.10
C ARG B 160 6.72 -35.54 5.01
N LEU B 161 7.45 -36.64 5.17
CA LEU B 161 8.39 -37.06 4.14
C LEU B 161 7.67 -37.48 2.86
N TRP B 162 6.51 -38.15 2.99
CA TRP B 162 5.71 -38.49 1.82
C TRP B 162 5.24 -37.25 1.09
N ALA B 163 4.72 -36.25 1.83
CA ALA B 163 4.22 -35.03 1.19
C ALA B 163 5.34 -34.24 0.54
N TRP B 164 6.49 -34.11 1.22
CA TRP B 164 7.60 -33.34 0.69
C TRP B 164 8.21 -34.00 -0.55
N GLU B 165 8.53 -35.29 -0.46
CA GLU B 165 9.10 -36.01 -1.59
C GLU B 165 8.11 -36.15 -2.73
N GLY B 166 6.81 -36.24 -2.43
CA GLY B 166 5.82 -36.33 -3.49
C GLY B 166 5.67 -35.04 -4.26
N TRP B 167 5.62 -33.91 -3.54
CA TRP B 167 5.53 -32.62 -4.23
C TRP B 167 6.79 -32.34 -5.05
N ARG B 168 7.96 -32.67 -4.50
CA ARG B 168 9.20 -32.47 -5.26
C ARG B 168 9.27 -33.37 -6.49
N ALA B 169 9.00 -34.67 -6.35
CA ALA B 169 9.08 -35.58 -7.47
C ALA B 169 7.95 -35.42 -8.48
N ASP B 170 6.87 -34.74 -8.13
CA ASP B 170 5.79 -34.54 -9.08
C ASP B 170 5.82 -33.17 -9.77
N VAL B 171 6.31 -32.12 -9.12
CA VAL B 171 6.40 -30.81 -9.76
C VAL B 171 7.86 -30.36 -9.92
N GLY B 172 8.82 -31.27 -9.89
CA GLY B 172 10.17 -30.89 -10.23
C GLY B 172 10.65 -31.53 -11.51
N ARG B 173 10.25 -32.78 -11.74
CA ARG B 173 10.63 -33.46 -12.97
C ARG B 173 9.91 -32.91 -14.18
N MET B 174 8.75 -32.28 -13.98
CA MET B 174 8.04 -31.67 -15.10
C MET B 174 8.50 -30.24 -15.35
N MET B 175 9.11 -29.59 -14.38
CA MET B 175 9.54 -28.21 -14.54
C MET B 175 11.04 -28.07 -14.69
N ARG B 176 11.79 -29.17 -14.62
CA ARG B 176 13.21 -29.09 -14.99
C ARG B 176 13.44 -28.81 -16.47
N PRO B 177 12.84 -29.51 -17.45
CA PRO B 177 13.13 -29.15 -18.84
C PRO B 177 12.44 -27.88 -19.32
N LEU B 178 11.54 -27.28 -18.53
CA LEU B 178 10.93 -26.02 -18.88
C LEU B 178 11.61 -24.83 -18.21
N TYR B 179 12.44 -25.05 -17.19
CA TYR B 179 13.23 -23.97 -16.61
C TYR B 179 14.57 -23.81 -17.31
N GLU B 180 14.90 -24.67 -18.26
CA GLU B 180 16.14 -24.52 -19.01
C GLU B 180 15.96 -23.78 -20.32
N GLU B 181 14.72 -23.62 -20.79
CA GLU B 181 14.44 -22.74 -21.92
C GLU B 181 14.16 -21.32 -21.46
N TYR B 182 13.60 -21.18 -20.26
CA TYR B 182 13.32 -19.86 -19.71
C TYR B 182 14.61 -19.11 -19.39
N VAL B 183 15.64 -19.82 -18.95
CA VAL B 183 16.94 -19.20 -18.71
C VAL B 183 17.57 -18.74 -20.03
N GLU B 184 17.48 -19.57 -21.07
CA GLU B 184 18.08 -19.21 -22.36
C GLU B 184 17.35 -18.05 -23.02
N LEU B 185 16.04 -17.94 -22.82
CA LEU B 185 15.31 -16.83 -23.44
C LEU B 185 15.46 -15.54 -22.62
N GLU B 186 15.45 -15.63 -21.29
CA GLU B 186 15.59 -14.42 -20.51
C GLU B 186 17.04 -13.97 -20.36
N ASN B 187 18.02 -14.75 -20.81
CA ASN B 187 19.36 -14.24 -20.99
C ASN B 187 19.57 -13.62 -22.35
N GLU B 188 18.52 -13.55 -23.16
CA GLU B 188 18.51 -12.85 -24.44
C GLU B 188 17.67 -11.59 -24.39
N VAL B 189 16.54 -11.66 -23.66
CA VAL B 189 15.74 -10.49 -23.35
C VAL B 189 16.58 -9.44 -22.64
N ALA B 190 17.36 -9.85 -21.65
CA ALA B 190 18.20 -8.93 -20.90
C ALA B 190 19.57 -8.73 -21.53
N LYS B 191 19.85 -9.35 -22.66
CA LYS B 191 21.07 -9.06 -23.40
C LYS B 191 20.83 -8.07 -24.53
N LEU B 192 19.62 -8.05 -25.09
CA LEU B 192 19.28 -7.05 -26.10
C LEU B 192 18.82 -5.72 -25.49
N ASN B 193 18.88 -5.57 -24.17
CA ASN B 193 18.55 -4.31 -23.52
C ASN B 193 19.76 -3.57 -22.98
N GLY B 194 20.96 -4.14 -23.07
CA GLY B 194 22.17 -3.49 -22.62
C GLY B 194 22.74 -4.06 -21.34
N TYR B 195 22.00 -4.89 -20.63
CA TYR B 195 22.50 -5.51 -19.42
C TYR B 195 23.33 -6.74 -19.78
N SER B 196 23.92 -7.37 -18.77
CA SER B 196 24.82 -8.49 -19.02
C SER B 196 24.10 -9.82 -18.99
N ASP B 197 23.19 -10.02 -18.04
CA ASP B 197 22.37 -11.21 -17.96
C ASP B 197 21.05 -10.80 -17.34
N TYR B 198 20.22 -11.79 -17.00
CA TYR B 198 18.93 -11.50 -16.39
C TYR B 198 19.05 -11.22 -14.89
N GLY B 199 20.22 -11.45 -14.29
CA GLY B 199 20.44 -10.97 -12.95
C GLY B 199 20.56 -9.47 -12.86
N ASP B 200 21.25 -8.84 -13.81
CA ASP B 200 21.36 -7.39 -13.85
C ASP B 200 20.05 -6.70 -14.15
N TYR B 201 19.19 -7.31 -14.98
CA TYR B 201 17.90 -6.73 -15.29
C TYR B 201 17.00 -6.67 -14.07
N TRP B 202 17.19 -7.59 -13.13
CA TRP B 202 16.46 -7.56 -11.87
C TRP B 202 17.13 -6.70 -10.82
N ARG B 203 18.46 -6.66 -10.81
CA ARG B 203 19.21 -5.87 -9.85
C ARG B 203 19.26 -4.39 -10.19
N ALA B 204 18.85 -4.00 -11.40
CA ALA B 204 18.89 -2.60 -11.80
C ALA B 204 17.69 -1.80 -11.34
N ASN B 205 16.92 -2.30 -10.37
CA ASN B 205 15.94 -1.47 -9.70
C ASN B 205 16.58 -0.62 -8.61
N TYR B 206 17.80 -0.97 -8.19
CA TYR B 206 18.49 -0.33 -7.08
C TYR B 206 19.57 0.62 -7.57
N GLU B 207 19.53 1.03 -8.83
CA GLU B 207 20.57 1.87 -9.39
C GLU B 207 20.30 3.34 -9.10
N ALA B 208 21.36 4.13 -9.14
CA ALA B 208 21.29 5.58 -8.99
C ALA B 208 22.56 6.18 -9.55
N ASP B 209 22.42 7.15 -10.43
CA ASP B 209 23.53 7.96 -10.93
C ASP B 209 23.16 9.43 -10.90
N PHE B 210 22.60 9.85 -9.77
CA PHE B 210 22.01 11.16 -9.57
C PHE B 210 22.71 11.83 -8.39
N PRO B 211 22.33 13.07 -7.99
CA PRO B 211 23.27 14.20 -8.07
C PRO B 211 24.74 13.99 -7.73
N LYS B 212 25.07 13.67 -6.48
CA LYS B 212 26.47 13.59 -6.05
C LYS B 212 26.58 12.90 -4.71
N GLY B 213 27.40 11.85 -4.64
CA GLY B 213 27.53 11.08 -3.42
C GLY B 213 26.42 10.10 -3.16
N TYR B 214 25.29 10.20 -3.87
CA TYR B 214 24.17 9.28 -3.76
C TYR B 214 24.13 8.34 -4.96
N GLU B 215 25.30 7.96 -5.46
CA GLU B 215 25.38 7.05 -6.59
C GLU B 215 25.47 5.62 -6.09
N TYR B 216 24.71 4.73 -6.72
CA TYR B 216 24.68 3.31 -6.38
C TYR B 216 24.79 2.52 -7.66
N LYS B 217 25.73 1.59 -7.70
CA LYS B 217 25.87 0.73 -8.86
C LYS B 217 24.97 -0.48 -8.73
N ARG B 218 24.85 -1.23 -9.81
CA ARG B 218 24.10 -2.49 -9.74
C ARG B 218 24.87 -3.54 -8.96
N ASP B 219 26.19 -3.52 -9.04
CA ASP B 219 27.03 -4.54 -8.46
C ASP B 219 27.41 -4.26 -7.01
N GLN B 220 26.90 -3.19 -6.42
CA GLN B 220 27.09 -2.98 -5.00
C GLN B 220 26.05 -3.73 -4.17
N LEU B 221 24.93 -4.12 -4.78
CA LEU B 221 23.89 -4.80 -4.04
C LEU B 221 24.32 -6.20 -3.62
N ILE B 222 25.14 -6.86 -4.45
CA ILE B 222 25.62 -8.21 -4.15
C ILE B 222 26.53 -8.20 -2.93
N GLU B 223 27.35 -7.17 -2.75
CA GLU B 223 28.20 -7.09 -1.59
C GLU B 223 27.51 -6.45 -0.39
N ASP B 224 26.50 -5.60 -0.61
CA ASP B 224 25.75 -5.04 0.51
C ASP B 224 24.86 -6.06 1.19
N VAL B 225 24.26 -6.96 0.42
CA VAL B 225 23.46 -8.04 1.00
C VAL B 225 24.35 -9.00 1.79
N GLU B 226 25.52 -9.36 1.23
CA GLU B 226 26.45 -10.24 1.93
C GLU B 226 27.12 -9.55 3.12
N LYS B 227 27.17 -8.23 3.14
CA LYS B 227 27.69 -7.50 4.28
C LYS B 227 26.66 -7.40 5.40
N THR B 228 25.38 -7.22 5.07
CA THR B 228 24.33 -7.22 6.08
C THR B 228 24.06 -8.60 6.66
N PHE B 229 24.20 -9.67 5.89
CA PHE B 229 23.92 -11.00 6.39
C PHE B 229 24.89 -11.48 7.46
N LYS B 230 26.15 -11.05 7.41
CA LYS B 230 27.11 -11.41 8.45
C LYS B 230 26.84 -10.71 9.78
N GLN B 231 25.91 -9.74 9.81
CA GLN B 231 25.46 -9.19 11.08
C GLN B 231 24.25 -9.92 11.62
N ILE B 232 23.44 -10.55 10.76
CA ILE B 232 22.25 -11.26 11.21
C ILE B 232 22.62 -12.72 11.39
N LYS B 233 23.88 -13.06 11.19
CA LYS B 233 24.24 -14.44 11.47
C LYS B 233 25.21 -14.64 12.64
N PRO B 234 25.05 -13.95 13.79
CA PRO B 234 25.21 -14.64 15.07
C PRO B 234 23.88 -14.92 15.77
N LEU B 235 22.80 -14.32 15.28
CA LEU B 235 21.48 -14.48 15.89
C LEU B 235 20.73 -15.67 15.30
N TYR B 236 20.91 -15.89 13.99
CA TYR B 236 20.32 -17.06 13.37
C TYR B 236 20.97 -18.34 13.85
N GLU B 237 22.25 -18.30 14.22
CA GLU B 237 22.89 -19.49 14.77
C GLU B 237 22.44 -19.80 16.19
N GLN B 238 21.93 -18.81 16.92
CA GLN B 238 21.31 -19.08 18.21
C GLN B 238 19.88 -19.53 18.05
N LEU B 239 19.19 -19.07 17.01
CA LEU B 239 17.83 -19.55 16.76
C LEU B 239 17.83 -20.99 16.26
N HIS B 240 18.74 -21.32 15.35
CA HIS B 240 18.99 -22.67 14.87
C HIS B 240 20.01 -23.41 15.74
N ALA B 241 19.84 -23.30 17.05
CA ALA B 241 20.39 -24.23 18.01
C ALA B 241 19.41 -24.46 19.13
N TYR B 242 18.31 -23.72 19.14
CA TYR B 242 17.21 -23.84 20.06
C TYR B 242 16.01 -24.48 19.42
N VAL B 243 15.71 -24.10 18.17
CA VAL B 243 14.71 -24.79 17.37
C VAL B 243 15.09 -26.25 17.19
N ARG B 244 16.38 -26.52 16.99
CA ARG B 244 16.87 -27.89 16.81
C ARG B 244 16.72 -28.71 18.08
N HIS B 245 16.96 -28.10 19.24
CA HIS B 245 16.77 -28.81 20.51
C HIS B 245 15.30 -29.10 20.76
N GLN B 246 14.42 -28.14 20.47
CA GLN B 246 12.99 -28.37 20.66
C GLN B 246 12.44 -29.41 19.70
N LEU B 247 13.01 -29.53 18.50
CA LEU B 247 12.61 -30.59 17.59
C LEU B 247 13.17 -31.94 18.02
N GLU B 248 14.38 -31.96 18.59
CA GLU B 248 14.94 -33.20 19.14
C GLU B 248 14.11 -33.72 20.30
N GLN B 249 13.54 -32.82 21.10
CA GLN B 249 12.66 -33.23 22.19
C GLN B 249 11.30 -33.73 21.73
N VAL B 250 11.02 -33.78 20.43
CA VAL B 250 9.74 -34.24 19.91
C VAL B 250 9.93 -35.47 19.04
N TYR B 251 10.80 -35.37 18.04
CA TYR B 251 10.93 -36.45 17.07
C TYR B 251 11.86 -37.56 17.55
N GLY B 252 12.98 -37.21 18.20
CA GLY B 252 13.87 -38.22 18.73
C GLY B 252 15.31 -38.01 18.35
N PRO B 253 16.24 -38.55 19.16
CA PRO B 253 17.67 -38.31 18.90
C PRO B 253 18.24 -39.09 17.74
N GLU B 254 17.56 -40.12 17.24
CA GLU B 254 18.05 -40.87 16.10
C GLU B 254 17.67 -40.23 14.77
N LEU B 255 16.61 -39.45 14.72
CA LEU B 255 16.21 -38.76 13.51
C LEU B 255 16.83 -37.37 13.40
N ILE B 256 16.99 -36.68 14.52
CA ILE B 256 17.58 -35.35 14.58
C ILE B 256 18.83 -35.40 15.44
N SER B 257 19.93 -34.87 14.93
CA SER B 257 21.19 -34.87 15.65
C SER B 257 21.30 -33.62 16.53
N SER B 258 22.49 -33.43 17.11
CA SER B 258 22.74 -32.30 17.98
C SER B 258 23.88 -31.42 17.48
N THR B 259 24.50 -31.77 16.35
CA THR B 259 25.53 -30.93 15.75
C THR B 259 25.35 -30.81 14.25
N GLY B 260 24.26 -31.35 13.69
CA GLY B 260 23.98 -31.27 12.28
C GLY B 260 22.82 -30.35 11.98
N CYS B 261 22.51 -30.25 10.70
CA CYS B 261 21.46 -29.37 10.23
C CYS B 261 20.10 -29.99 10.49
N LEU B 262 19.07 -29.20 10.28
CA LEU B 262 17.71 -29.72 10.35
C LEU B 262 17.34 -30.39 9.04
N PRO B 263 16.67 -31.54 9.07
CA PRO B 263 16.08 -32.07 7.83
C PRO B 263 14.99 -31.15 7.33
N ALA B 264 14.79 -31.17 6.01
CA ALA B 264 14.07 -30.07 5.36
C ALA B 264 12.58 -30.13 5.60
N HIS B 265 12.01 -31.31 5.79
CA HIS B 265 10.56 -31.40 5.85
C HIS B 265 10.01 -31.07 7.24
N LEU B 266 10.85 -30.97 8.25
CA LEU B 266 10.41 -30.65 9.61
C LEU B 266 10.53 -29.16 9.91
N LEU B 267 9.94 -28.30 9.07
CA LEU B 267 10.08 -26.86 9.26
C LEU B 267 8.73 -26.15 9.25
N GLY B 268 7.63 -26.89 9.31
CA GLY B 268 6.33 -26.26 9.32
C GLY B 268 5.91 -25.61 8.02
N ASP B 269 6.48 -26.04 6.90
CA ASP B 269 6.20 -25.45 5.61
C ASP B 269 6.68 -26.40 4.52
N MET B 270 6.09 -26.27 3.34
CA MET B 270 6.48 -27.12 2.22
C MET B 270 7.86 -26.75 1.70
N TRP B 271 8.22 -25.47 1.77
CA TRP B 271 9.52 -25.02 1.30
C TRP B 271 10.45 -24.55 2.40
N GLY B 272 9.99 -24.54 3.65
CA GLY B 272 10.82 -24.06 4.73
C GLY B 272 11.06 -22.56 4.73
N ARG B 273 10.10 -21.79 4.24
CA ARG B 273 10.28 -20.34 4.16
C ARG B 273 10.07 -19.69 5.52
N PHE B 274 8.88 -19.86 6.09
CA PHE B 274 8.57 -19.32 7.41
C PHE B 274 8.56 -20.44 8.44
N TRP B 275 9.12 -20.16 9.60
CA TRP B 275 9.14 -21.12 10.68
C TRP B 275 8.01 -20.91 11.66
N THR B 276 6.93 -20.23 11.24
CA THR B 276 5.89 -19.78 12.16
C THR B 276 5.10 -20.93 12.73
N ASN B 277 5.01 -22.04 12.02
CA ASN B 277 4.26 -23.19 12.48
C ASN B 277 5.02 -24.02 13.49
N LEU B 278 6.27 -23.66 13.80
CA LEU B 278 7.03 -24.29 14.87
C LEU B 278 6.79 -23.64 16.22
N TYR B 279 5.89 -22.67 16.30
CA TYR B 279 5.66 -21.99 17.57
C TYR B 279 4.93 -22.87 18.56
N ALA B 280 4.18 -23.87 18.09
CA ALA B 280 3.55 -24.80 19.02
C ALA B 280 4.57 -25.74 19.66
N LEU B 281 5.73 -25.92 19.04
CA LEU B 281 6.77 -26.79 19.57
C LEU B 281 7.86 -26.03 20.33
N THR B 282 8.23 -24.84 19.87
CA THR B 282 9.36 -24.10 20.42
C THR B 282 8.92 -22.91 21.27
N VAL B 283 7.76 -22.96 21.90
CA VAL B 283 7.29 -21.82 22.68
C VAL B 283 8.07 -21.77 24.00
N PRO B 284 8.64 -20.61 24.39
CA PRO B 284 9.45 -20.54 25.60
C PRO B 284 8.70 -20.81 26.90
N TYR B 285 7.64 -20.05 27.14
CA TYR B 285 6.79 -20.22 28.32
C TYR B 285 5.38 -20.57 27.87
N PRO B 286 5.01 -21.86 27.85
CA PRO B 286 3.69 -22.23 27.33
C PRO B 286 2.54 -22.02 28.30
N ASN B 287 2.77 -21.43 29.47
CA ASN B 287 1.69 -21.14 30.39
C ASN B 287 1.21 -19.71 30.33
N LYS B 288 1.98 -18.82 29.71
CA LYS B 288 1.60 -17.42 29.59
C LYS B 288 1.07 -17.18 28.18
N PRO B 289 -0.23 -16.93 28.00
CA PRO B 289 -0.78 -16.77 26.66
C PRO B 289 -0.48 -15.40 26.09
N ASN B 290 -0.57 -15.32 24.76
CA ASN B 290 -0.43 -14.05 24.08
C ASN B 290 -1.66 -13.18 24.29
N ILE B 291 -1.50 -11.89 24.00
CA ILE B 291 -2.63 -10.97 24.09
C ILE B 291 -3.54 -11.20 22.89
N ASP B 292 -4.84 -11.32 23.16
CA ASP B 292 -5.82 -11.49 22.10
C ASP B 292 -7.05 -10.68 22.48
N VAL B 293 -7.38 -9.69 21.66
CA VAL B 293 -8.49 -8.79 21.94
C VAL B 293 -9.73 -9.13 21.12
N THR B 294 -9.74 -10.28 20.44
CA THR B 294 -10.85 -10.66 19.59
C THR B 294 -12.12 -10.92 20.40
N SER B 295 -11.96 -11.53 21.58
CA SER B 295 -13.09 -11.65 22.50
C SER B 295 -13.53 -10.29 23.01
N ALA B 296 -12.58 -9.40 23.29
CA ALA B 296 -12.91 -8.06 23.73
C ALA B 296 -13.40 -7.17 22.60
N MET B 297 -13.13 -7.54 21.36
CA MET B 297 -13.72 -6.81 20.24
C MET B 297 -15.15 -7.27 19.96
N VAL B 298 -15.41 -8.57 20.01
CA VAL B 298 -16.76 -9.06 19.73
C VAL B 298 -17.69 -8.90 20.92
N GLU B 299 -17.17 -8.66 22.13
CA GLU B 299 -18.01 -8.38 23.29
C GLU B 299 -18.09 -6.89 23.58
N LYS B 300 -17.75 -6.05 22.61
CA LYS B 300 -17.92 -4.60 22.75
C LYS B 300 -18.51 -4.00 21.48
N GLU B 301 -18.97 -4.84 20.55
CA GLU B 301 -19.68 -4.46 19.32
C GLU B 301 -18.83 -3.55 18.42
N TRP B 302 -17.73 -4.12 17.95
CA TRP B 302 -16.93 -3.51 16.90
C TRP B 302 -17.37 -4.06 15.56
N ASP B 303 -17.92 -3.23 14.69
CA ASP B 303 -18.27 -3.68 13.35
C ASP B 303 -17.04 -3.59 12.45
N ALA B 304 -17.23 -3.82 11.15
CA ALA B 304 -16.14 -3.77 10.18
C ALA B 304 -15.86 -2.36 9.70
N ASN B 305 -16.50 -1.36 10.28
CA ASN B 305 -16.28 0.04 9.94
C ASN B 305 -15.62 0.82 11.06
N LYS B 306 -15.83 0.44 12.32
CA LYS B 306 -15.09 1.05 13.41
C LYS B 306 -13.63 0.69 13.39
N ILE B 307 -13.27 -0.45 12.78
CA ILE B 307 -11.87 -0.81 12.59
C ILE B 307 -11.18 0.18 11.67
N PHE B 308 -11.80 0.48 10.54
CA PHE B 308 -11.23 1.43 9.59
C PHE B 308 -11.39 2.87 10.02
N ARG B 309 -12.30 3.19 10.93
CA ARG B 309 -12.40 4.54 11.44
C ARG B 309 -11.59 4.76 12.72
N SER B 310 -11.07 3.70 13.32
CA SER B 310 -10.08 3.83 14.39
C SER B 310 -8.66 3.60 13.89
N ALA B 311 -8.50 3.06 12.69
CA ALA B 311 -7.20 3.03 12.02
C ALA B 311 -6.94 4.29 11.24
N GLU B 312 -7.86 5.27 11.26
CA GLU B 312 -7.68 6.57 10.63
C GLU B 312 -7.39 7.66 11.65
N ALA B 313 -7.89 7.52 12.87
CA ALA B 313 -7.51 8.39 13.98
C ALA B 313 -6.09 8.15 14.46
N PHE B 314 -5.44 7.09 13.98
CA PHE B 314 -4.00 6.91 14.16
C PHE B 314 -3.22 7.81 13.23
N PHE B 315 -3.54 7.76 11.93
CA PHE B 315 -2.82 8.55 10.94
C PHE B 315 -3.13 10.03 11.07
N ILE B 316 -4.32 10.40 11.53
CA ILE B 316 -4.58 11.81 11.78
C ILE B 316 -3.95 12.29 13.07
N SER B 317 -3.50 11.37 13.93
CA SER B 317 -2.82 11.75 15.16
C SER B 317 -1.32 11.89 14.97
N ILE B 318 -0.70 11.05 14.14
CA ILE B 318 0.74 11.24 13.91
C ILE B 318 1.00 12.40 12.96
N GLY B 319 0.01 12.86 12.20
CA GLY B 319 0.18 14.06 11.40
C GLY B 319 -0.07 13.89 9.91
N LEU B 320 -0.55 12.72 9.50
CA LEU B 320 -0.80 12.45 8.09
C LEU B 320 -2.23 12.86 7.74
N ASP B 321 -2.72 12.45 6.57
CA ASP B 321 -3.97 12.95 6.03
C ASP B 321 -5.16 12.11 6.47
N ASN B 322 -6.35 12.71 6.37
CA ASN B 322 -7.59 11.97 6.43
C ASN B 322 -7.86 11.28 5.11
N MET B 323 -8.79 10.34 5.12
CA MET B 323 -9.21 9.71 3.89
C MET B 323 -10.14 10.62 3.11
N THR B 324 -10.37 10.29 1.84
CA THR B 324 -11.21 11.11 1.00
C THR B 324 -12.69 10.86 1.33
N GLU B 325 -13.56 11.54 0.60
CA GLU B 325 -14.99 11.38 0.86
C GLU B 325 -15.56 10.18 0.11
N GLY B 326 -15.04 9.90 -1.07
CA GLY B 326 -15.48 8.75 -1.83
C GLY B 326 -14.85 7.44 -1.42
N PHE B 327 -13.84 7.48 -0.56
CA PHE B 327 -13.23 6.26 -0.04
C PHE B 327 -14.20 5.47 0.80
N TRP B 328 -15.13 6.13 1.48
CA TRP B 328 -16.03 5.42 2.38
C TRP B 328 -17.22 4.81 1.66
N ARG B 329 -17.57 5.31 0.48
CA ARG B 329 -18.70 4.76 -0.25
C ARG B 329 -18.30 3.95 -1.47
N ASP B 330 -17.05 4.03 -1.91
CA ASP B 330 -16.61 3.24 -3.05
C ASP B 330 -15.84 1.99 -2.68
N SER B 331 -15.22 1.95 -1.51
CA SER B 331 -14.45 0.79 -1.11
C SER B 331 -15.36 -0.38 -0.75
N MET B 332 -14.76 -1.55 -0.66
CA MET B 332 -15.45 -2.77 -0.25
C MET B 332 -14.80 -3.20 1.06
N LEU B 333 -15.35 -2.73 2.17
CA LEU B 333 -14.78 -2.99 3.48
C LEU B 333 -15.38 -4.21 4.16
N THR B 334 -16.28 -4.92 3.50
CA THR B 334 -16.79 -6.20 3.98
C THR B 334 -17.23 -7.01 2.79
N GLU B 335 -17.34 -8.32 2.98
CA GLU B 335 -17.76 -9.20 1.90
C GLU B 335 -19.25 -9.04 1.65
N PRO B 336 -19.68 -8.82 0.41
CA PRO B 336 -21.09 -8.50 0.16
C PRO B 336 -21.98 -9.72 0.23
N THR B 337 -23.24 -9.47 0.57
CA THR B 337 -24.25 -10.50 0.74
C THR B 337 -25.16 -10.63 -0.47
N ASP B 338 -24.78 -10.04 -1.59
CA ASP B 338 -25.46 -10.23 -2.87
C ASP B 338 -24.88 -11.48 -3.55
N ASN B 339 -25.17 -11.66 -4.84
CA ASN B 339 -24.58 -12.74 -5.61
C ASN B 339 -23.22 -12.37 -6.21
N ARG B 340 -22.54 -11.37 -5.65
CA ARG B 340 -21.19 -11.06 -6.06
C ARG B 340 -20.22 -12.06 -5.45
N LYS B 341 -19.28 -12.53 -6.26
CA LYS B 341 -18.27 -13.48 -5.81
C LYS B 341 -16.92 -12.79 -5.88
N VAL B 342 -16.54 -12.11 -4.80
CA VAL B 342 -15.30 -11.35 -4.78
C VAL B 342 -14.15 -12.31 -4.51
N VAL B 343 -12.92 -11.84 -4.71
CA VAL B 343 -11.74 -12.56 -4.24
C VAL B 343 -11.32 -11.90 -2.93
N CYS B 344 -11.28 -12.69 -1.85
CA CYS B 344 -11.03 -12.15 -0.51
C CYS B 344 -9.54 -12.19 -0.24
N HIS B 345 -8.88 -11.10 -0.56
CA HIS B 345 -7.46 -10.91 -0.34
C HIS B 345 -7.22 -9.42 -0.24
N PRO B 346 -6.65 -8.92 0.85
CA PRO B 346 -6.58 -7.47 1.09
C PRO B 346 -5.60 -6.79 0.14
N THR B 347 -6.11 -5.83 -0.64
CA THR B 347 -5.29 -4.98 -1.49
C THR B 347 -5.74 -3.54 -1.33
N ALA B 348 -4.84 -2.61 -1.63
CA ALA B 348 -5.09 -1.19 -1.52
C ALA B 348 -4.83 -0.55 -2.87
N TRP B 349 -5.88 -0.04 -3.50
CA TRP B 349 -5.83 0.42 -4.88
C TRP B 349 -5.61 1.93 -4.96
N ASP B 350 -4.97 2.35 -6.04
CA ASP B 350 -4.76 3.76 -6.37
C ASP B 350 -5.15 3.88 -7.83
N LEU B 351 -6.39 4.27 -8.08
CA LEU B 351 -6.96 4.10 -9.40
C LEU B 351 -6.57 5.16 -10.40
N GLY B 352 -5.94 6.25 -9.97
CA GLY B 352 -5.71 7.32 -10.92
C GLY B 352 -6.18 8.68 -10.45
N LYS B 353 -7.23 9.21 -11.06
CA LYS B 353 -7.64 10.60 -10.85
C LYS B 353 -8.25 10.82 -9.47
N ASN B 354 -7.41 10.79 -8.44
CA ASN B 354 -7.80 11.10 -7.06
C ASN B 354 -8.68 10.15 -6.27
N ASP B 355 -8.89 8.92 -6.73
CA ASP B 355 -9.69 8.01 -5.92
C ASP B 355 -8.87 6.86 -5.46
N TYR B 356 -8.93 6.61 -4.17
CA TYR B 356 -8.18 5.57 -3.49
C TYR B 356 -9.19 4.65 -2.82
N ARG B 357 -9.09 3.35 -3.10
CA ARG B 357 -10.05 2.37 -2.62
C ARG B 357 -9.32 1.19 -2.01
N ILE B 358 -9.92 0.61 -0.97
CA ILE B 358 -9.39 -0.57 -0.29
C ILE B 358 -10.37 -1.71 -0.47
N LYS B 359 -9.88 -2.84 -0.96
CA LYS B 359 -10.68 -4.06 -1.07
C LYS B 359 -10.24 -5.03 0.00
N MET B 360 -11.17 -5.48 0.84
CA MET B 360 -10.84 -6.32 1.99
C MET B 360 -12.11 -6.92 2.55
N CYS B 361 -12.06 -8.21 2.89
CA CYS B 361 -13.18 -8.90 3.51
C CYS B 361 -12.94 -8.94 5.02
N THR B 362 -13.43 -7.92 5.72
CA THR B 362 -13.09 -7.71 7.11
C THR B 362 -14.02 -8.45 8.05
N LYS B 363 -13.43 -9.19 8.98
CA LYS B 363 -14.16 -9.77 10.09
C LYS B 363 -13.49 -9.33 11.39
N VAL B 364 -14.22 -9.48 12.49
CA VAL B 364 -13.81 -8.91 13.77
C VAL B 364 -12.81 -9.82 14.47
N THR B 365 -11.53 -9.63 14.20
CA THR B 365 -10.44 -10.33 14.87
C THR B 365 -9.30 -9.36 15.11
N MET B 366 -8.27 -9.80 15.82
CA MET B 366 -7.01 -9.04 15.86
C MET B 366 -6.04 -9.59 14.82
N ASP B 367 -6.55 -9.77 13.60
CA ASP B 367 -5.73 -9.97 12.42
C ASP B 367 -6.25 -9.21 11.23
N ASP B 368 -7.50 -8.75 11.27
CA ASP B 368 -8.02 -7.75 10.37
C ASP B 368 -8.03 -6.37 11.03
N PHE B 369 -7.54 -6.27 12.25
CA PHE B 369 -7.27 -5.00 12.89
C PHE B 369 -5.85 -4.53 12.62
N LEU B 370 -4.91 -5.46 12.50
CA LEU B 370 -3.52 -5.14 12.13
C LEU B 370 -3.29 -5.38 10.65
N THR B 371 -4.35 -5.26 9.87
CA THR B 371 -4.28 -5.23 8.42
C THR B 371 -4.98 -4.02 7.84
N ALA B 372 -5.95 -3.44 8.55
CA ALA B 372 -6.44 -2.12 8.23
C ALA B 372 -5.34 -1.07 8.33
N HIS B 373 -4.44 -1.17 9.31
CA HIS B 373 -3.30 -0.26 9.40
C HIS B 373 -2.30 -0.46 8.27
N HIS B 374 -2.05 -1.71 7.84
CA HIS B 374 -1.20 -1.99 6.69
C HIS B 374 -1.79 -1.42 5.40
N GLU B 375 -3.05 -1.74 5.11
CA GLU B 375 -3.68 -1.27 3.89
C GLU B 375 -3.93 0.22 3.90
N MET B 376 -4.09 0.84 5.07
CA MET B 376 -4.15 2.29 5.11
C MET B 376 -2.79 2.94 4.99
N GLY B 377 -1.74 2.30 5.50
CA GLY B 377 -0.40 2.82 5.25
C GLY B 377 0.03 2.72 3.81
N HIS B 378 -0.57 1.82 3.03
CA HIS B 378 -0.33 1.85 1.60
C HIS B 378 -0.95 3.06 0.93
N ILE B 379 -2.20 3.41 1.21
CA ILE B 379 -2.82 4.54 0.53
C ILE B 379 -2.45 5.87 1.16
N GLU B 380 -1.90 5.87 2.38
CA GLU B 380 -1.30 7.11 2.87
C GLU B 380 0.03 7.41 2.22
N TYR B 381 0.70 6.39 1.68
CA TYR B 381 1.83 6.62 0.78
C TYR B 381 1.31 7.06 -0.58
N ASP B 382 0.27 6.39 -1.08
CA ASP B 382 -0.25 6.70 -2.42
C ASP B 382 -0.85 8.10 -2.51
N MET B 383 -1.39 8.61 -1.42
CA MET B 383 -2.01 9.93 -1.38
C MET B 383 -0.99 11.05 -1.29
N ALA B 384 0.28 10.74 -1.04
CA ALA B 384 1.27 11.76 -0.76
C ALA B 384 2.13 12.13 -1.95
N TYR B 385 2.49 11.16 -2.80
CA TYR B 385 3.30 11.47 -3.97
C TYR B 385 2.45 11.73 -5.21
N SER B 386 1.21 12.17 -5.03
CA SER B 386 0.29 12.32 -6.14
C SER B 386 0.51 13.58 -6.97
N GLY B 387 1.58 14.32 -6.73
CA GLY B 387 1.89 15.45 -7.57
C GLY B 387 2.99 15.14 -8.56
N GLN B 388 3.62 13.99 -8.38
CA GLN B 388 4.71 13.49 -9.22
C GLN B 388 4.13 12.93 -10.52
N PRO B 389 4.86 13.06 -11.67
CA PRO B 389 4.17 13.10 -12.98
C PRO B 389 3.34 11.89 -13.40
N TYR B 390 3.96 10.81 -13.86
CA TYR B 390 3.25 9.53 -13.88
C TYR B 390 4.20 8.41 -13.54
N LEU B 391 5.41 8.49 -14.12
CA LEU B 391 6.38 7.42 -13.98
C LEU B 391 7.06 7.46 -12.64
N LEU B 392 7.12 8.64 -12.02
CA LEU B 392 7.74 8.78 -10.72
C LEU B 392 6.70 8.66 -9.61
N ARG B 393 5.85 7.65 -9.67
CA ARG B 393 4.81 7.44 -8.67
C ARG B 393 4.92 5.99 -8.19
N SER B 394 5.80 5.76 -7.24
CA SER B 394 6.04 4.47 -6.60
C SER B 394 6.96 4.73 -5.42
N GLY B 395 7.32 3.67 -4.72
CA GLY B 395 8.39 3.77 -3.76
C GLY B 395 9.73 4.00 -4.42
N ALA B 396 10.72 4.41 -3.62
CA ALA B 396 12.02 4.76 -4.17
C ALA B 396 12.74 3.54 -4.72
N ASN B 397 12.50 2.37 -4.16
CA ASN B 397 12.77 1.11 -4.83
C ASN B 397 11.63 0.16 -4.49
N GLU B 398 11.82 -1.14 -4.73
CA GLU B 398 10.72 -2.08 -4.56
C GLU B 398 10.44 -2.41 -3.10
N GLY B 399 11.37 -2.15 -2.20
CA GLY B 399 11.19 -2.45 -0.81
C GLY B 399 10.68 -1.33 0.05
N PHE B 400 10.44 -0.14 -0.52
CA PHE B 400 10.01 0.98 0.29
C PHE B 400 8.52 0.98 0.54
N HIS B 401 7.73 0.39 -0.36
CA HIS B 401 6.29 0.53 -0.26
C HIS B 401 5.69 -0.42 0.77
N GLU B 402 6.40 -1.49 1.11
CA GLU B 402 5.94 -2.44 2.11
C GLU B 402 6.66 -2.29 3.43
N ALA B 403 7.73 -1.50 3.48
CA ALA B 403 8.37 -1.18 4.74
C ALA B 403 7.62 -0.11 5.51
N VAL B 404 6.94 0.80 4.83
CA VAL B 404 6.11 1.80 5.51
C VAL B 404 4.70 1.30 5.75
N GLY B 405 4.34 0.15 5.21
CA GLY B 405 3.06 -0.45 5.55
C GLY B 405 3.21 -1.31 6.77
N GLU B 406 4.44 -1.67 7.12
CA GLU B 406 4.71 -2.59 8.21
C GLU B 406 5.36 -1.92 9.41
N ILE B 407 5.62 -0.62 9.37
CA ILE B 407 5.93 0.10 10.60
C ILE B 407 4.68 0.66 11.25
N MET B 408 3.52 0.51 10.62
CA MET B 408 2.24 0.86 11.22
C MET B 408 1.65 -0.31 12.00
N SER B 409 1.79 -1.53 11.51
CA SER B 409 1.38 -2.71 12.25
C SER B 409 2.32 -3.04 13.40
N LEU B 410 3.53 -2.46 13.43
CA LEU B 410 4.42 -2.64 14.56
C LEU B 410 4.05 -1.75 15.73
N SER B 411 3.41 -0.62 15.49
CA SER B 411 3.00 0.29 16.55
C SER B 411 1.51 0.23 16.85
N ALA B 412 0.72 -0.39 15.98
CA ALA B 412 -0.71 -0.57 16.21
C ALA B 412 -1.02 -1.84 16.99
N ALA B 413 -0.01 -2.50 17.54
CA ALA B 413 -0.21 -3.77 18.25
C ALA B 413 0.47 -3.80 19.61
N THR B 414 1.00 -2.70 20.07
CA THR B 414 1.67 -2.66 21.37
C THR B 414 0.64 -2.66 22.49
N PRO B 415 0.98 -3.15 23.67
CA PRO B 415 0.03 -3.10 24.78
C PRO B 415 0.01 -1.78 25.53
N GLN B 416 0.03 -0.68 24.81
CA GLN B 416 -0.36 0.64 25.25
C GLN B 416 -1.29 1.31 24.26
N HIS B 417 -1.07 1.11 22.96
CA HIS B 417 -2.03 1.53 21.94
C HIS B 417 -3.29 0.69 22.00
N LEU B 418 -3.17 -0.59 22.37
CA LEU B 418 -4.37 -1.40 22.57
C LEU B 418 -5.05 -1.08 23.88
N LYS B 419 -4.30 -0.60 24.87
CA LYS B 419 -4.91 -0.25 26.14
C LYS B 419 -5.57 1.13 26.11
N SER B 420 -5.17 1.99 25.18
CA SER B 420 -5.83 3.29 25.06
C SER B 420 -7.12 3.24 24.28
N LEU B 421 -7.49 2.09 23.70
CA LEU B 421 -8.77 1.92 23.03
C LEU B 421 -9.74 1.07 23.84
N ASP B 422 -9.38 0.75 25.09
CA ASP B 422 -10.15 -0.10 26.01
C ASP B 422 -10.40 -1.50 25.45
N LEU B 423 -9.49 -1.97 24.59
CA LEU B 423 -9.49 -3.36 24.17
C LEU B 423 -8.73 -4.25 25.14
N LEU B 424 -8.17 -3.68 26.20
CA LEU B 424 -7.44 -4.41 27.22
C LEU B 424 -7.90 -3.93 28.57
N GLU B 425 -7.71 -4.76 29.58
CA GLU B 425 -8.03 -4.37 30.95
C GLU B 425 -7.06 -3.27 31.41
N PRO B 426 -7.57 -2.22 32.06
CA PRO B 426 -6.68 -1.11 32.47
C PRO B 426 -5.64 -1.50 33.51
N THR B 427 -5.87 -2.55 34.29
CA THR B 427 -4.89 -3.00 35.28
C THR B 427 -3.98 -4.08 34.68
N PHE B 428 -3.32 -3.71 33.59
CA PHE B 428 -2.37 -4.59 32.93
C PHE B 428 -1.01 -4.48 33.60
N GLN B 429 -0.16 -5.50 33.39
CA GLN B 429 1.12 -5.55 34.07
C GLN B 429 2.29 -5.92 33.16
N GLU B 430 2.05 -6.14 31.87
CA GLU B 430 3.02 -6.31 30.78
C GLU B 430 3.76 -7.64 30.81
N ASP B 431 3.69 -8.37 31.94
CA ASP B 431 3.91 -9.82 32.06
C ASP B 431 5.22 -10.30 31.42
N GLU B 432 6.33 -10.04 32.13
CA GLU B 432 7.73 -10.23 31.72
C GLU B 432 8.03 -11.41 30.79
N GLU B 433 7.42 -12.57 31.05
CA GLU B 433 7.58 -13.71 30.14
C GLU B 433 6.90 -13.47 28.80
N THR B 434 5.80 -12.72 28.78
CA THR B 434 5.12 -12.42 27.52
C THR B 434 5.71 -11.18 26.84
N GLU B 435 7.03 -11.14 26.73
CA GLU B 435 7.68 -10.28 25.76
C GLU B 435 8.70 -11.16 25.06
N ILE B 436 9.19 -12.18 25.77
CA ILE B 436 9.98 -13.20 25.09
C ILE B 436 9.07 -14.12 24.30
N ASN B 437 7.87 -14.40 24.81
CA ASN B 437 6.87 -15.16 24.06
C ASN B 437 6.37 -14.42 22.83
N PHE B 438 6.51 -13.10 22.79
CA PHE B 438 6.17 -12.31 21.62
C PHE B 438 7.35 -12.14 20.67
N LEU B 439 8.56 -11.93 21.21
CA LEU B 439 9.73 -11.77 20.37
C LEU B 439 10.13 -13.06 19.68
N LEU B 440 9.83 -14.22 20.28
CA LEU B 440 10.13 -15.46 19.59
C LEU B 440 9.17 -15.70 18.43
N LYS B 441 7.89 -15.37 18.62
CA LYS B 441 6.91 -15.44 17.54
C LYS B 441 7.23 -14.44 16.43
N GLN B 442 7.81 -13.30 16.78
CA GLN B 442 8.26 -12.37 15.75
C GLN B 442 9.52 -12.88 15.06
N ALA B 443 10.41 -13.53 15.80
CA ALA B 443 11.70 -13.94 15.25
C ALA B 443 11.57 -15.11 14.30
N LEU B 444 10.65 -16.04 14.60
CA LEU B 444 10.43 -17.19 13.71
C LEU B 444 9.88 -16.77 12.35
N THR B 445 9.21 -15.63 12.28
CA THR B 445 8.76 -15.09 11.01
C THR B 445 9.82 -14.22 10.34
N ILE B 446 10.53 -13.41 11.13
CA ILE B 446 11.43 -12.39 10.56
C ILE B 446 12.82 -12.96 10.29
N VAL B 447 13.50 -13.48 11.32
CA VAL B 447 14.84 -14.03 11.14
C VAL B 447 14.81 -15.43 10.56
N GLY B 448 13.65 -16.05 10.49
CA GLY B 448 13.55 -17.39 9.94
C GLY B 448 13.63 -17.38 8.43
N THR B 449 13.24 -16.28 7.81
CA THR B 449 13.21 -16.19 6.36
C THR B 449 14.37 -15.41 5.78
N MET B 450 15.28 -14.88 6.60
CA MET B 450 16.38 -14.11 6.06
C MET B 450 17.48 -14.95 5.42
N PRO B 451 17.87 -16.14 5.93
CA PRO B 451 18.73 -17.00 5.11
C PRO B 451 18.08 -17.58 3.86
N PHE B 452 16.77 -17.83 3.87
CA PHE B 452 16.11 -18.41 2.70
C PHE B 452 16.03 -17.43 1.53
N THR B 453 15.58 -16.19 1.77
CA THR B 453 15.48 -15.23 0.68
C THR B 453 16.84 -14.71 0.22
N TYR B 454 17.90 -14.98 0.98
CA TYR B 454 19.24 -14.66 0.50
C TYR B 454 19.82 -15.81 -0.30
N MET B 455 19.59 -17.06 0.15
CA MET B 455 20.16 -18.20 -0.55
C MET B 455 19.47 -18.45 -1.88
N LEU B 456 18.14 -18.31 -1.93
CA LEU B 456 17.42 -18.55 -3.19
C LEU B 456 17.79 -17.51 -4.24
N GLU B 457 17.89 -16.25 -3.84
CA GLU B 457 18.25 -15.20 -4.77
C GLU B 457 19.70 -15.29 -5.19
N LYS B 458 20.60 -15.72 -4.29
CA LYS B 458 21.99 -15.94 -4.69
C LYS B 458 22.12 -17.10 -5.68
N TRP B 459 21.37 -18.19 -5.49
CA TRP B 459 21.38 -19.29 -6.45
C TRP B 459 20.84 -18.85 -7.79
N ARG B 460 19.79 -18.01 -7.81
CA ARG B 460 19.23 -17.56 -9.07
C ARG B 460 20.19 -16.61 -9.80
N TRP B 461 20.84 -15.71 -9.06
CA TRP B 461 21.83 -14.82 -9.66
C TRP B 461 23.04 -15.57 -10.18
N MET B 462 23.37 -16.71 -9.57
CA MET B 462 24.51 -17.48 -10.07
C MET B 462 24.14 -18.41 -11.22
N VAL B 463 22.91 -18.91 -11.29
CA VAL B 463 22.55 -19.72 -12.46
C VAL B 463 22.12 -18.87 -13.64
N PHE B 464 21.79 -17.60 -13.44
CA PHE B 464 21.46 -16.76 -14.57
C PHE B 464 22.69 -16.22 -15.28
N SER B 465 23.79 -16.01 -14.57
CA SER B 465 24.98 -15.42 -15.16
C SER B 465 25.99 -16.45 -15.63
N GLY B 466 25.72 -17.74 -15.45
CA GLY B 466 26.63 -18.77 -15.90
C GLY B 466 27.70 -19.16 -14.90
N GLU B 467 27.58 -18.73 -13.64
CA GLU B 467 28.54 -19.18 -12.63
C GLU B 467 28.24 -20.60 -12.17
N ILE B 468 27.00 -21.05 -12.34
CA ILE B 468 26.60 -22.43 -12.07
C ILE B 468 26.16 -23.02 -13.41
N THR B 469 26.90 -23.99 -13.91
CA THR B 469 26.59 -24.58 -15.19
C THR B 469 25.39 -25.50 -15.08
N LYS B 470 24.93 -25.97 -16.25
CA LYS B 470 23.66 -26.70 -16.33
C LYS B 470 23.71 -28.05 -15.64
N GLN B 471 24.90 -28.62 -15.45
CA GLN B 471 25.06 -29.96 -14.92
C GLN B 471 25.15 -29.99 -13.40
N GLU B 472 24.99 -28.86 -12.73
CA GLU B 472 25.19 -28.86 -11.28
C GLU B 472 24.19 -28.01 -10.52
N TRP B 473 22.97 -27.81 -11.05
CA TRP B 473 21.97 -27.02 -10.34
C TRP B 473 21.53 -27.70 -9.05
N THR B 474 21.14 -28.97 -9.13
CA THR B 474 20.69 -29.72 -7.98
C THR B 474 21.81 -30.00 -6.99
N LYS B 475 23.05 -30.08 -7.45
CA LYS B 475 24.18 -30.20 -6.54
C LYS B 475 24.50 -28.91 -5.81
N ARG B 476 24.58 -27.77 -6.52
CA ARG B 476 24.90 -26.52 -5.86
C ARG B 476 23.77 -25.97 -5.00
N TRP B 477 22.51 -26.35 -5.30
CA TRP B 477 21.40 -25.93 -4.45
C TRP B 477 21.52 -26.52 -3.05
N TRP B 478 21.76 -27.84 -2.96
CA TRP B 478 21.94 -28.45 -1.66
C TRP B 478 23.36 -28.31 -1.11
N ASP B 479 24.30 -27.80 -1.91
CA ASP B 479 25.58 -27.38 -1.32
C ASP B 479 25.47 -26.02 -0.67
N MET B 480 24.60 -25.14 -1.18
CA MET B 480 24.43 -23.83 -0.57
C MET B 480 23.40 -23.86 0.56
N LYS B 481 22.44 -24.78 0.51
CA LYS B 481 21.42 -24.84 1.54
C LYS B 481 21.92 -25.43 2.85
N ARG B 482 23.13 -25.99 2.89
CA ARG B 482 23.73 -26.43 4.14
C ARG B 482 24.74 -25.44 4.68
N GLU B 483 25.26 -24.54 3.85
CA GLU B 483 26.20 -23.54 4.30
C GLU B 483 25.54 -22.22 4.65
N ILE B 484 24.42 -21.88 4.03
CA ILE B 484 23.75 -20.63 4.34
C ILE B 484 22.60 -20.88 5.30
N VAL B 485 21.64 -21.70 4.89
CA VAL B 485 20.44 -21.90 5.70
C VAL B 485 20.71 -22.86 6.84
N GLY B 486 21.47 -23.92 6.61
CA GLY B 486 21.68 -24.92 7.62
C GLY B 486 20.54 -25.91 7.64
N VAL B 487 20.19 -26.43 6.47
CA VAL B 487 19.07 -27.33 6.26
C VAL B 487 19.53 -28.45 5.34
N VAL B 488 19.38 -29.69 5.79
CA VAL B 488 19.81 -30.84 5.01
C VAL B 488 18.58 -31.49 4.41
N GLU B 489 18.76 -32.21 3.33
CA GLU B 489 17.79 -32.94 2.53
C GLU B 489 17.54 -34.33 3.12
N PRO B 490 16.30 -34.81 3.09
CA PRO B 490 16.02 -36.15 3.61
C PRO B 490 16.15 -37.28 2.60
N VAL B 491 16.24 -36.98 1.32
CA VAL B 491 16.26 -37.98 0.25
C VAL B 491 17.38 -37.57 -0.72
N PRO B 492 18.19 -38.52 -1.21
CA PRO B 492 19.20 -38.15 -2.21
C PRO B 492 18.56 -37.71 -3.52
N HIS B 493 19.05 -36.61 -4.06
CA HIS B 493 18.54 -36.03 -5.28
C HIS B 493 19.61 -36.05 -6.36
N ASP B 494 19.16 -36.18 -7.61
CA ASP B 494 20.07 -36.16 -8.75
C ASP B 494 19.67 -35.08 -9.73
N GLU B 495 20.25 -35.10 -10.94
CA GLU B 495 20.16 -33.99 -11.87
C GLU B 495 18.90 -34.02 -12.73
N THR B 496 17.85 -34.73 -12.31
CA THR B 496 16.56 -34.69 -12.97
C THR B 496 15.52 -33.89 -12.20
N TYR B 497 15.86 -33.43 -11.00
CA TYR B 497 14.96 -32.66 -10.17
C TYR B 497 15.23 -31.16 -10.34
N CYS B 498 14.21 -30.36 -10.04
CA CYS B 498 14.31 -28.90 -10.11
C CYS B 498 13.66 -28.28 -8.88
N ASP B 499 14.11 -28.72 -7.70
CA ASP B 499 13.70 -28.24 -6.37
C ASP B 499 13.51 -26.73 -6.18
N PRO B 500 14.27 -25.82 -6.82
CA PRO B 500 13.89 -24.41 -6.72
C PRO B 500 12.58 -24.06 -7.41
N ALA B 501 12.22 -24.75 -8.49
CA ALA B 501 11.01 -24.42 -9.24
C ALA B 501 9.74 -24.97 -8.61
N ALA B 502 9.81 -25.53 -7.41
CA ALA B 502 8.64 -25.92 -6.66
C ALA B 502 8.15 -24.80 -5.74
N LEU B 503 8.61 -23.57 -5.97
CA LEU B 503 8.17 -22.41 -5.22
C LEU B 503 7.39 -21.51 -6.17
N PHE B 504 6.50 -20.69 -5.60
CA PHE B 504 5.60 -19.88 -6.42
C PHE B 504 6.34 -18.77 -7.13
N HIS B 505 7.34 -18.17 -6.48
CA HIS B 505 8.04 -17.05 -7.06
C HIS B 505 9.12 -17.44 -8.05
N VAL B 506 9.40 -18.73 -8.21
CA VAL B 506 10.41 -19.17 -9.15
C VAL B 506 9.73 -19.64 -10.42
N ALA B 507 8.55 -20.25 -10.26
CA ALA B 507 7.79 -20.73 -11.40
C ALA B 507 6.99 -19.65 -12.10
N ASN B 508 6.72 -18.53 -11.42
CA ASN B 508 5.90 -17.47 -11.98
C ASN B 508 6.70 -16.19 -12.23
N ASP B 509 8.03 -16.28 -12.25
CA ASP B 509 8.95 -15.22 -12.70
C ASP B 509 8.80 -13.95 -11.85
N TYR B 510 9.15 -14.07 -10.57
CA TYR B 510 9.08 -12.94 -9.66
C TYR B 510 10.42 -12.74 -8.99
N SER B 511 10.80 -11.48 -8.80
CA SER B 511 11.99 -11.13 -8.06
C SER B 511 11.78 -11.39 -6.58
N PHE B 512 12.83 -11.83 -5.90
CA PHE B 512 12.70 -12.32 -4.54
C PHE B 512 13.61 -11.61 -3.55
N ILE B 513 14.41 -10.64 -3.98
CA ILE B 513 15.23 -9.89 -3.03
C ILE B 513 14.45 -8.74 -2.42
N ARG B 514 13.27 -8.42 -2.95
CA ARG B 514 12.43 -7.38 -2.37
C ARG B 514 11.72 -7.83 -1.10
N TYR B 515 11.94 -9.06 -0.65
CA TYR B 515 11.54 -9.48 0.68
C TYR B 515 12.69 -9.45 1.68
N TYR B 516 13.93 -9.47 1.20
CA TYR B 516 15.10 -9.34 2.05
C TYR B 516 15.47 -7.90 2.29
N THR B 517 15.36 -7.05 1.27
CA THR B 517 15.66 -5.63 1.43
C THR B 517 14.43 -4.82 1.77
N ARG B 518 13.48 -5.43 2.46
CA ARG B 518 12.46 -4.67 3.15
C ARG B 518 12.18 -5.23 4.53
N THR B 519 12.88 -6.27 4.96
CA THR B 519 12.98 -6.61 6.37
C THR B 519 14.12 -5.88 7.02
N ILE B 520 14.97 -5.24 6.22
CA ILE B 520 16.05 -4.41 6.72
C ILE B 520 15.64 -2.95 6.79
N TYR B 521 14.73 -2.50 5.90
CA TYR B 521 14.29 -1.12 5.90
C TYR B 521 13.33 -0.82 7.04
N GLN B 522 12.42 -1.74 7.38
CA GLN B 522 11.48 -1.41 8.45
C GLN B 522 12.02 -1.78 9.81
N PHE B 523 13.29 -1.52 10.04
CA PHE B 523 13.83 -1.28 11.36
C PHE B 523 14.74 -0.07 11.37
N GLN B 524 15.35 0.27 10.24
CA GLN B 524 15.95 1.58 10.06
C GLN B 524 14.91 2.68 10.10
N PHE B 525 13.69 2.41 9.62
CA PHE B 525 12.62 3.39 9.72
C PHE B 525 12.18 3.54 11.17
N GLN B 526 11.93 2.43 11.84
CA GLN B 526 11.39 2.46 13.19
C GLN B 526 12.40 2.96 14.21
N GLU B 527 13.70 2.70 14.03
CA GLU B 527 14.71 3.24 14.93
C GLU B 527 14.89 4.73 14.76
N ALA B 528 14.45 5.31 13.64
CA ALA B 528 14.47 6.76 13.49
C ALA B 528 13.19 7.40 13.99
N LEU B 529 12.04 6.79 13.69
CA LEU B 529 10.76 7.34 14.14
C LEU B 529 10.57 7.16 15.63
N CYS B 530 11.27 6.22 16.26
CA CYS B 530 11.23 6.06 17.71
C CYS B 530 12.38 6.78 18.39
N LYS B 531 13.24 7.40 17.61
CA LYS B 531 14.14 8.42 18.12
C LYS B 531 13.56 9.82 18.07
N ALA B 532 12.78 10.15 17.03
CA ALA B 532 12.13 11.45 16.95
C ALA B 532 10.97 11.60 17.91
N ALA B 533 10.36 10.50 18.36
CA ALA B 533 9.20 10.57 19.25
C ALA B 533 9.57 10.50 20.72
N ASN B 534 10.86 10.66 21.03
CA ASN B 534 11.40 10.74 22.39
C ASN B 534 11.07 9.51 23.22
N HIS B 535 11.48 8.36 22.69
CA HIS B 535 11.17 7.08 23.31
C HIS B 535 12.43 6.55 24.01
N THR B 536 12.34 6.37 25.32
CA THR B 536 13.41 5.80 26.11
C THR B 536 12.98 4.43 26.60
N GLY B 537 13.62 3.39 26.07
CA GLY B 537 13.28 2.02 26.40
C GLY B 537 13.73 1.07 25.31
N PRO B 538 13.28 -0.18 25.38
CA PRO B 538 13.56 -1.12 24.29
C PRO B 538 12.73 -0.78 23.06
N LEU B 539 13.22 -1.22 21.91
CA LEU B 539 12.60 -0.83 20.65
C LEU B 539 11.31 -1.60 20.36
N HIS B 540 11.10 -2.75 20.97
CA HIS B 540 9.97 -3.58 20.59
C HIS B 540 8.67 -3.14 21.26
N LYS B 541 8.66 -2.06 22.02
CA LYS B 541 7.45 -1.52 22.62
C LYS B 541 7.35 -0.02 22.38
N CYS B 542 7.82 0.42 21.23
CA CYS B 542 7.71 1.82 20.85
C CYS B 542 6.35 2.10 20.23
N ASP B 543 5.97 3.37 20.22
CA ASP B 543 4.64 3.79 19.82
C ASP B 543 4.73 5.17 19.19
N ILE B 544 4.57 5.26 17.87
CA ILE B 544 4.41 6.55 17.21
C ILE B 544 2.91 6.82 17.18
N THR B 545 2.42 7.34 18.30
CA THR B 545 1.04 7.80 18.40
C THR B 545 1.09 9.10 19.18
N ASN B 546 0.25 10.06 18.76
CA ASN B 546 0.22 11.43 19.29
C ASN B 546 1.55 12.15 19.13
N SER B 547 2.34 11.78 18.14
CA SER B 547 3.68 12.33 17.95
C SER B 547 3.79 12.91 16.55
N THR B 548 3.66 14.23 16.44
CA THR B 548 3.73 14.89 15.14
C THR B 548 5.15 15.08 14.65
N ALA B 549 6.15 15.01 15.55
CA ALA B 549 7.54 15.14 15.12
C ALA B 549 8.00 13.93 14.34
N ALA B 550 7.41 12.77 14.59
CA ALA B 550 7.70 11.54 13.86
C ALA B 550 6.74 11.33 12.70
N GLY B 551 5.93 12.32 12.39
CA GLY B 551 5.05 12.27 11.23
C GLY B 551 5.39 13.40 10.30
N ASP B 552 6.16 14.37 10.80
CA ASP B 552 6.69 15.43 9.95
C ASP B 552 7.97 15.03 9.24
N ARG B 553 8.65 13.98 9.68
CA ARG B 553 9.81 13.47 8.98
C ARG B 553 9.52 12.19 8.21
N LEU B 554 8.41 11.53 8.50
CA LEU B 554 7.92 10.48 7.63
C LEU B 554 7.33 11.07 6.36
N ARG B 555 6.69 12.23 6.47
CA ARG B 555 6.13 12.92 5.32
C ARG B 555 7.18 13.49 4.39
N LYS B 556 8.42 13.65 4.85
CA LYS B 556 9.51 14.02 3.96
C LYS B 556 9.97 12.86 3.09
N LEU B 557 9.68 11.63 3.50
CA LEU B 557 9.93 10.44 2.70
C LEU B 557 8.77 10.10 1.79
N LEU B 558 7.55 10.16 2.31
CA LEU B 558 6.36 9.82 1.53
C LEU B 558 6.09 10.79 0.39
N GLU B 559 6.58 12.03 0.47
CA GLU B 559 6.30 13.06 -0.51
C GLU B 559 7.02 12.87 -1.83
N LEU B 560 8.11 12.11 -1.84
CA LEU B 560 9.02 12.17 -2.98
C LEU B 560 8.57 11.32 -4.16
N GLY B 561 8.24 10.05 -3.94
CA GLY B 561 8.03 9.16 -5.06
C GLY B 561 9.37 8.67 -5.55
N ARG B 562 9.57 8.54 -6.86
CA ARG B 562 10.86 8.19 -7.42
C ARG B 562 11.62 9.41 -7.92
N SER B 563 11.28 10.61 -7.44
CA SER B 563 11.97 11.81 -7.90
C SER B 563 13.37 11.94 -7.33
N LYS B 564 13.63 11.30 -6.20
CA LYS B 564 14.94 11.24 -5.59
C LYS B 564 15.38 9.78 -5.51
N PRO B 565 16.66 9.49 -5.66
CA PRO B 565 17.13 8.11 -5.49
C PRO B 565 16.97 7.65 -4.05
N TRP B 566 16.95 6.33 -3.87
CA TRP B 566 16.60 5.76 -2.57
C TRP B 566 17.65 6.02 -1.50
N THR B 567 18.89 6.30 -1.90
CA THR B 567 19.92 6.65 -0.93
C THR B 567 19.65 8.00 -0.28
N GLU B 568 19.24 9.00 -1.06
CA GLU B 568 18.91 10.31 -0.51
C GLU B 568 17.61 10.27 0.29
N ALA B 569 16.62 9.53 -0.20
CA ALA B 569 15.37 9.37 0.53
C ALA B 569 15.53 8.55 1.80
N LEU B 570 16.59 7.75 1.92
CA LEU B 570 16.90 7.08 3.16
C LEU B 570 17.72 7.94 4.10
N GLU B 571 18.57 8.80 3.56
CA GLU B 571 19.35 9.71 4.40
C GLU B 571 18.46 10.79 5.01
N ASN B 572 17.40 11.19 4.32
CA ASN B 572 16.49 12.21 4.85
C ASN B 572 15.76 11.74 6.10
N VAL B 573 15.54 10.44 6.24
CA VAL B 573 14.87 9.90 7.42
C VAL B 573 15.87 9.45 8.46
N THR B 574 16.74 8.52 8.08
CA THR B 574 17.60 7.86 9.07
C THR B 574 18.81 8.71 9.44
N GLY B 575 19.62 9.07 8.45
CA GLY B 575 20.86 9.77 8.71
C GLY B 575 22.03 9.06 8.08
N GLU B 576 21.75 7.94 7.41
CA GLU B 576 22.77 7.09 6.80
C GLU B 576 22.21 6.52 5.51
N LYS B 577 22.91 6.72 4.41
CA LYS B 577 22.35 6.41 3.09
C LYS B 577 22.70 5.00 2.61
N TYR B 578 22.53 3.98 3.45
CA TYR B 578 22.84 2.61 3.09
C TYR B 578 22.00 1.69 3.95
N MET B 579 22.09 0.38 3.68
CA MET B 579 21.40 -0.61 4.50
C MET B 579 22.19 -0.89 5.77
N ASN B 580 21.48 -1.33 6.81
CA ASN B 580 22.12 -1.63 8.08
C ASN B 580 21.28 -2.65 8.82
N ALA B 581 21.94 -3.60 9.47
CA ALA B 581 21.24 -4.61 10.24
C ALA B 581 21.33 -4.37 11.75
N GLU B 582 22.01 -3.30 12.17
CA GLU B 582 22.03 -2.95 13.58
C GLU B 582 20.68 -2.59 14.20
N PRO B 583 19.71 -1.94 13.51
CA PRO B 583 18.38 -1.81 14.14
C PRO B 583 17.62 -3.11 14.29
N LEU B 584 17.84 -4.09 13.41
CA LEU B 584 17.22 -5.41 13.59
C LEU B 584 17.76 -6.10 14.83
N LEU B 585 19.07 -6.02 15.05
CA LEU B 585 19.66 -6.58 16.25
C LEU B 585 19.39 -5.75 17.49
N HIS B 586 18.96 -4.49 17.33
CA HIS B 586 18.51 -3.73 18.48
C HIS B 586 17.05 -4.02 18.80
N TYR B 587 16.26 -4.39 17.81
CA TYR B 587 14.91 -4.88 18.06
C TYR B 587 14.94 -6.21 18.78
N PHE B 588 15.68 -7.18 18.25
CA PHE B 588 15.79 -8.49 18.90
C PHE B 588 16.92 -8.53 19.91
N GLU B 589 16.99 -7.54 20.79
CA GLU B 589 18.00 -7.49 21.84
C GLU B 589 17.70 -8.29 23.11
N PRO B 590 16.49 -8.28 23.70
CA PRO B 590 16.27 -9.15 24.86
C PRO B 590 16.19 -10.63 24.52
N LEU B 591 15.69 -10.96 23.34
CA LEU B 591 15.62 -12.35 22.90
C LEU B 591 17.00 -12.96 22.74
N PHE B 592 17.96 -12.18 22.26
CA PHE B 592 19.33 -12.66 22.08
C PHE B 592 19.98 -13.01 23.41
N GLU B 593 19.81 -12.15 24.42
CA GLU B 593 20.34 -12.42 25.74
C GLU B 593 19.62 -13.57 26.42
N TRP B 594 18.33 -13.77 26.15
CA TRP B 594 17.65 -14.93 26.71
C TRP B 594 18.09 -16.23 26.04
N LEU B 595 18.29 -16.19 24.72
CA LEU B 595 18.73 -17.37 23.99
C LEU B 595 20.14 -17.77 24.36
N LYS B 596 21.01 -16.81 24.66
CA LYS B 596 22.36 -17.16 25.07
C LYS B 596 22.42 -17.73 26.49
N LYS B 597 21.40 -17.50 27.31
CA LYS B 597 21.28 -18.26 28.55
C LYS B 597 20.68 -19.63 28.31
N ALA B 598 19.70 -19.73 27.40
CA ALA B 598 19.04 -21.01 27.18
C ALA B 598 19.92 -21.98 26.41
N ASN B 599 20.78 -21.48 25.52
CA ASN B 599 21.68 -22.34 24.75
C ASN B 599 23.03 -22.46 25.45
N SER B 600 22.98 -22.89 26.70
CA SER B 600 24.15 -23.00 27.55
C SER B 600 24.65 -24.44 27.50
N GLY B 601 25.83 -24.64 26.91
CA GLY B 601 26.37 -25.97 26.74
C GLY B 601 25.95 -26.67 25.47
N ARG B 602 25.41 -25.94 24.49
CA ARG B 602 25.02 -26.49 23.21
C ARG B 602 25.98 -26.00 22.13
N PHE B 603 26.05 -26.77 21.04
CA PHE B 603 26.92 -26.44 19.92
C PHE B 603 26.20 -25.43 19.04
N ILE B 604 26.67 -24.19 19.06
CA ILE B 604 26.08 -23.13 18.22
C ILE B 604 26.65 -23.27 16.82
N GLY B 605 25.79 -23.52 15.85
CA GLY B 605 26.22 -23.72 14.49
C GLY B 605 25.91 -25.12 14.02
N TRP B 606 26.52 -25.55 12.92
CA TRP B 606 26.26 -26.87 12.39
C TRP B 606 27.48 -27.35 11.62
N LYS B 607 27.52 -28.66 11.37
CA LYS B 607 28.53 -29.29 10.54
C LYS B 607 27.83 -29.96 9.37
N THR B 608 28.24 -29.62 8.16
CA THR B 608 27.51 -30.01 6.95
C THR B 608 28.00 -31.34 6.39
N ASP B 609 28.02 -32.39 7.23
CA ASP B 609 28.44 -33.71 6.78
C ASP B 609 27.49 -34.82 7.20
N TRP B 610 26.68 -34.64 8.23
CA TRP B 610 25.69 -35.62 8.63
C TRP B 610 24.47 -35.51 7.73
N ALA B 611 23.87 -36.65 7.41
CA ALA B 611 22.73 -36.71 6.51
C ALA B 611 21.78 -37.78 7.01
N PRO B 612 20.47 -37.55 6.91
CA PRO B 612 19.50 -38.53 7.45
C PRO B 612 19.36 -39.78 6.61
N TYR B 613 19.96 -39.82 5.42
CA TYR B 613 19.94 -41.03 4.60
C TYR B 613 21.26 -41.78 4.66
N SER B 614 22.38 -41.05 4.72
CA SER B 614 23.75 -41.56 4.75
C SER B 614 24.07 -42.53 3.61
C1 NAG C . -40.71 37.58 10.14
C2 NAG C . -41.94 38.41 10.50
C3 NAG C . -42.87 37.63 11.43
C4 NAG C . -43.21 36.26 10.84
C5 NAG C . -41.92 35.51 10.51
C6 NAG C . -42.16 34.18 9.84
C7 NAG C . -42.17 40.83 10.85
C8 NAG C . -41.65 42.03 11.57
N2 NAG C . -41.56 39.68 11.12
O3 NAG C . -44.07 38.38 11.62
O4 NAG C . -44.06 35.47 11.66
O5 NAG C . -41.11 36.29 9.62
O6 NAG C . -43.00 33.34 10.62
O7 NAG C . -43.11 40.91 10.05
C1 NAG C . -43.85 35.46 13.10
C2 NAG C . -45.18 35.06 13.73
C3 NAG C . -45.06 34.99 15.25
C4 NAG C . -43.90 34.08 15.64
C5 NAG C . -42.61 34.54 14.97
C6 NAG C . -41.44 33.63 15.23
C7 NAG C . -47.15 35.69 12.39
C8 NAG C . -48.17 36.75 12.13
N2 NAG C . -46.25 35.97 13.34
O3 NAG C . -46.28 34.50 15.80
O4 NAG C . -43.72 34.11 17.06
O5 NAG C . -42.81 34.57 13.53
O6 NAG C . -41.35 33.30 16.60
O7 NAG C . -47.12 34.64 11.76
C1 NAG D . -21.68 -7.47 -11.89
C2 NAG D . -22.74 -6.40 -11.62
C3 NAG D . -23.96 -6.65 -12.50
C4 NAG D . -23.57 -6.73 -13.96
C5 NAG D . -22.54 -7.84 -14.13
C6 NAG D . -22.02 -7.97 -15.54
C7 NAG D . -22.91 -5.30 -9.44
C8 NAG D . -23.37 -5.44 -8.02
N2 NAG D . -23.11 -6.37 -10.22
O3 NAG D . -24.90 -5.58 -12.30
O4 NAG D . -24.71 -6.99 -14.77
O5 NAG D . -21.40 -7.55 -13.30
O6 NAG D . -22.42 -9.21 -16.12
O7 NAG D . -22.39 -4.27 -9.86
C1 NAG D . -25.01 -5.87 -15.62
C2 NAG D . -26.46 -5.97 -16.12
C3 NAG D . -26.86 -4.74 -16.93
C4 NAG D . -26.55 -3.46 -16.17
C5 NAG D . -25.08 -3.45 -15.74
C6 NAG D . -24.70 -2.25 -14.91
C7 NAG D . -26.95 -8.37 -16.40
C8 NAG D . -27.09 -9.50 -17.37
N2 NAG D . -26.64 -7.18 -16.91
O3 NAG D . -28.24 -4.79 -17.23
O4 NAG D . -26.79 -2.32 -17.00
O5 NAG D . -24.83 -4.61 -14.93
O6 NAG D . -25.60 -1.17 -15.12
O7 NAG D . -27.08 -8.54 -15.19
C1 NAG E . 4.60 8.95 -30.94
C2 NAG E . 3.26 9.47 -30.43
C3 NAG E . 2.28 9.63 -31.59
C4 NAG E . 2.89 10.48 -32.70
C5 NAG E . 4.27 9.96 -33.10
C6 NAG E . 5.00 10.86 -34.06
C7 NAG E . 2.85 8.79 -28.11
C8 NAG E . 2.23 7.77 -27.21
N2 NAG E . 2.71 8.58 -29.42
O3 NAG E . 1.08 10.22 -31.11
O4 NAG E . 2.06 10.45 -33.85
O5 NAG E . 5.11 9.84 -31.93
O6 NAG E . 6.06 10.17 -34.70
O7 NAG E . 3.46 9.76 -27.66
C1 NAG E . 1.40 11.71 -34.04
C2 NAG E . 0.90 11.82 -35.49
C3 NAG E . 0.12 13.12 -35.69
C4 NAG E . -0.99 13.26 -34.65
C5 NAG E . -0.40 13.11 -33.24
C6 NAG E . -1.45 13.12 -32.16
C7 NAG E . 2.41 10.60 -37.00
C8 NAG E . 3.56 10.71 -37.94
N2 NAG E . 2.00 11.74 -36.42
O3 NAG E . -0.44 13.13 -37.00
O4 NAG E . -1.60 14.53 -34.77
O5 NAG E . 0.29 11.86 -33.14
O6 NAG E . -1.99 14.43 -31.96
O7 NAG E . 1.86 9.53 -36.76
C1 NAG F . -9.94 14.66 9.83
C2 NAG F . -9.65 16.15 10.00
C3 NAG F . -10.00 16.61 11.41
C4 NAG F . -11.43 16.23 11.78
C5 NAG F . -11.67 14.74 11.52
C6 NAG F . -13.11 14.34 11.70
C7 NAG F . -7.86 16.92 8.50
C8 NAG F . -6.40 17.16 8.35
N2 NAG F . -8.26 16.45 9.69
O3 NAG F . -9.81 18.01 11.48
O4 NAG F . -11.66 16.49 13.15
O5 NAG F . -11.31 14.41 10.17
O6 NAG F . -13.33 13.72 12.97
O7 NAG F . -8.65 17.12 7.58
C1 NAG F . -12.48 17.67 13.34
C2 NAG F . -13.21 17.58 14.68
C3 NAG F . -14.01 18.85 14.94
C4 NAG F . -13.11 20.07 14.84
C5 NAG F . -12.40 20.08 13.48
C6 NAG F . -11.41 21.22 13.34
C7 NAG F . -14.28 15.67 15.82
C8 NAG F . -15.22 14.51 15.67
N2 NAG F . -14.09 16.41 14.71
O3 NAG F . -14.60 18.79 16.23
O4 NAG F . -13.88 21.26 14.97
O5 NAG F . -11.67 18.86 13.32
O6 NAG F . -11.77 22.33 14.16
O7 NAG F . -13.72 15.93 16.88
C1 NAG G . -3.31 10.15 22.45
C2 NAG G . -3.33 9.13 23.58
C3 NAG G . -4.75 8.96 24.13
C4 NAG G . -5.36 10.29 24.51
C5 NAG G . -5.27 11.25 23.33
C6 NAG G . -5.72 12.66 23.65
C7 NAG G . -1.69 7.30 23.56
C8 NAG G . -1.31 5.98 22.97
N2 NAG G . -2.82 7.85 23.11
O3 NAG G . -4.71 8.11 25.27
O4 NAG G . -6.73 10.09 24.84
O5 NAG G . -3.91 11.36 22.90
O6 NAG G . -4.72 13.37 24.37
O7 NAG G . -1.01 7.84 24.42
C1 NAG G . -7.07 10.46 26.21
C2 NAG G . -8.60 10.44 26.32
C3 NAG G . -9.02 10.79 27.75
C4 NAG G . -8.31 9.91 28.77
C5 NAG G . -6.80 9.98 28.55
C6 NAG G . -6.02 9.05 29.46
C7 NAG G . -9.68 10.94 24.18
C8 NAG G . -10.29 12.00 23.33
N2 NAG G . -9.21 11.34 25.37
O3 NAG G . -10.43 10.63 27.88
O4 NAG G . -8.62 10.34 30.09
O5 NAG G . -6.49 9.59 27.20
O6 NAG G . -6.16 9.44 30.82
O7 NAG G . -9.63 9.77 23.82
C1 NAG H . -47.53 19.94 4.26
C2 NAG H . -47.28 18.53 4.81
C3 NAG H . -48.61 17.82 5.08
C4 NAG H . -49.50 18.68 5.98
C5 NAG H . -49.65 20.08 5.41
C6 NAG H . -50.41 21.02 6.32
C7 NAG H . -45.55 16.86 4.29
C8 NAG H . -44.80 16.15 3.19
N2 NAG H . -46.47 17.75 3.89
O3 NAG H . -48.37 16.56 5.68
O4 NAG H . -50.78 18.07 6.12
O5 NAG H . -48.37 20.67 5.18
O6 NAG H . -49.55 21.57 7.31
O7 NAG H . -45.35 16.64 5.47
#